data_7CTY
#
_entry.id   7CTY
#
_cell.length_a   56.143
_cell.length_b   154.088
_cell.length_c   163.598
_cell.angle_alpha   90.000
_cell.angle_beta   90.000
_cell.angle_gamma   90.000
#
_symmetry.space_group_name_H-M   'P 21 21 21'
#
loop_
_entity.id
_entity.type
_entity.pdbx_description
1 polymer 'Bifunctional dihydrofolate reductase-thymidylate synthase'
2 non-polymer 'NADPH DIHYDRO-NICOTINAMIDE-ADENINE-DINUCLEOTIDE PHOSPHATE'
3 non-polymer "spiro[1H-2-benzofuran-3,4'-piperidine]"
4 non-polymer 'PHOSPHATE ION'
5 water water
#
_entity_poly.entity_id   1
_entity_poly.type   'polypeptide(L)'
_entity_poly.pdbx_seq_one_letter_code
;MMEQVCDVFDIYAICACCKVESKNEGKKNEVFNNYTFRGLGNKGVLPWKCNSLDMKYFCAVTTYVNESKYEKLKYKRCKY
LNKETVDNVNDMPNSKKLQNVVVMGRTSWESIPKKFKPLSNRINVILSRTLKKEDFDEDVYIINKVEDLIVLLGKLNYYK
CFIIGGSVVYQEFLEKKLIKKIYFTRINSTYECDVFFPEINENEYQIISVSDVYTSNNTTLDFIIYKKTNNKMLNEQNCI
KGEEKNNDMPLKNDDKDTCHMKKLTEFYKNVDKYKINYENDDDDEEEDDFVYFNFNKEKEEKNKNSIHPNDFQIYNSLKY
KYHPEYQYLNIIYDIMMNGNKQSDRTGVGVLSKFGYIMKFDLSQYFPLLTTKKLFLRGIIEELLWFIRGETNGNTLLNKN
VRIWEANGTREFLDNRKLFHREVNDLGPIYGFQWRHFGAEYTNMYDNYENKGVDQLKNIINLIKNDPTSRRILLCAWNVK
DLDQMALPPCHILCQFYVFDGKLSCIMYQRSCDLGLGVPFNIASYSIFTHMIAQVCNLQPAQFIHVLGNAHVYNNHIDSL
KIQLNRIPYPFPTLKLNPDIKNIEDFTISDFTIQNYVHHEKISMDMAA
;
_entity_poly.pdbx_strand_id   A,B
#
loop_
_chem_comp.id
_chem_comp.type
_chem_comp.name
_chem_comp.formula
GF3 non-polymer spiro[1H-2-benzofuran-3,4'-piperidine] 'C12 H15 N O'
NDP non-polymer 'NADPH DIHYDRO-NICOTINAMIDE-ADENINE-DINUCLEOTIDE PHOSPHATE' 'C21 H30 N7 O17 P3'
PO4 non-polymer 'PHOSPHATE ION' 'O4 P -3'
#
# COMPACT_ATOMS: atom_id res chain seq x y z
N GLN A 4 -27.76 -31.40 0.56
CA GLN A 4 -27.66 -31.04 -0.89
C GLN A 4 -26.46 -31.79 -1.48
N VAL A 5 -26.64 -32.41 -2.65
CA VAL A 5 -25.83 -33.55 -3.20
C VAL A 5 -24.38 -33.13 -3.47
N CYS A 6 -24.18 -31.95 -4.05
CA CYS A 6 -22.93 -31.43 -4.66
C CYS A 6 -21.90 -30.95 -3.62
N ASP A 7 -22.31 -30.57 -2.41
CA ASP A 7 -21.38 -30.16 -1.32
C ASP A 7 -20.51 -31.36 -0.94
N VAL A 8 -21.11 -32.55 -0.94
CA VAL A 8 -20.48 -33.82 -0.49
C VAL A 8 -19.41 -34.23 -1.53
N PHE A 9 -19.77 -34.15 -2.82
CA PHE A 9 -18.93 -34.67 -3.93
C PHE A 9 -18.17 -33.52 -4.58
N ASP A 10 -18.14 -32.35 -3.94
CA ASP A 10 -17.47 -31.12 -4.44
C ASP A 10 -17.54 -31.10 -5.98
N ILE A 11 -18.75 -30.93 -6.52
CA ILE A 11 -19.03 -30.82 -7.98
C ILE A 11 -19.08 -29.34 -8.31
N TYR A 12 -18.25 -28.88 -9.23
CA TYR A 12 -18.12 -27.45 -9.59
C TYR A 12 -18.29 -27.35 -11.09
N ALA A 13 -18.63 -26.16 -11.58
CA ALA A 13 -18.67 -25.83 -13.03
C ALA A 13 -17.52 -24.88 -13.30
N ILE A 14 -16.92 -24.99 -14.48
CA ILE A 14 -15.95 -23.98 -14.98
C ILE A 14 -16.34 -23.74 -16.44
N CYS A 15 -16.34 -22.48 -16.86
CA CYS A 15 -16.71 -22.06 -18.23
C CYS A 15 -16.00 -20.76 -18.56
N ALA A 16 -15.98 -20.41 -19.86
CA ALA A 16 -15.51 -19.12 -20.41
C ALA A 16 -16.54 -18.65 -21.42
N CYS A 17 -17.02 -17.41 -21.31
CA CYS A 17 -18.08 -16.83 -22.18
C CYS A 17 -17.74 -15.44 -22.68
N CYS A 18 -17.80 -15.27 -24.00
CA CYS A 18 -17.63 -13.98 -24.70
C CYS A 18 -19.01 -13.31 -24.84
N LYS A 19 -19.03 -12.12 -25.42
CA LYS A 19 -20.24 -11.31 -25.69
C LYS A 19 -20.70 -11.67 -27.09
N VAL A 20 -22.00 -11.64 -27.39
CA VAL A 20 -22.53 -12.23 -28.65
C VAL A 20 -22.88 -11.10 -29.66
N GLU A 21 -22.76 -11.41 -30.96
CA GLU A 21 -23.24 -10.56 -32.09
C GLU A 21 -24.74 -10.27 -31.89
N SER A 22 -25.16 -9.00 -31.95
CA SER A 22 -26.50 -8.50 -31.57
C SER A 22 -27.60 -9.40 -32.13
N ASN A 29 -28.43 3.58 -26.78
CA ASN A 29 -27.32 3.07 -25.92
C ASN A 29 -27.53 1.58 -25.62
N GLU A 30 -26.58 0.96 -24.91
CA GLU A 30 -26.66 -0.48 -24.53
C GLU A 30 -26.83 -0.61 -23.00
N VAL A 31 -27.67 -1.55 -22.60
CA VAL A 31 -27.74 -2.08 -21.19
C VAL A 31 -26.74 -3.24 -21.11
N PHE A 32 -26.07 -3.40 -19.97
CA PHE A 32 -25.06 -4.47 -19.67
C PHE A 32 -25.34 -5.06 -18.28
N ASN A 33 -25.63 -6.37 -18.25
CA ASN A 33 -25.72 -7.23 -17.03
C ASN A 33 -24.71 -8.38 -17.21
N ASN A 34 -24.68 -9.33 -16.27
CA ASN A 34 -23.76 -10.50 -16.34
C ASN A 34 -24.18 -11.40 -17.52
N TYR A 35 -25.47 -11.38 -17.84
CA TYR A 35 -26.11 -12.03 -19.03
C TYR A 35 -25.56 -11.44 -20.36
N THR A 36 -24.74 -10.38 -20.31
CA THR A 36 -23.86 -9.90 -21.41
C THR A 36 -22.92 -11.02 -21.85
N PHE A 37 -22.42 -11.81 -20.89
CA PHE A 37 -21.39 -12.85 -21.08
C PHE A 37 -22.06 -14.22 -21.04
N ARG A 38 -22.14 -14.89 -22.19
CA ARG A 38 -22.94 -16.13 -22.39
C ARG A 38 -22.40 -16.95 -23.58
N GLY A 39 -21.96 -16.29 -24.65
CA GLY A 39 -21.31 -16.93 -25.82
C GLY A 39 -20.31 -18.02 -25.46
N LEU A 40 -20.64 -19.30 -25.74
CA LEU A 40 -19.85 -20.47 -25.27
C LEU A 40 -19.02 -21.05 -26.41
N GLY A 41 -19.66 -21.24 -27.58
CA GLY A 41 -19.07 -21.94 -28.72
C GLY A 41 -19.78 -21.55 -30.00
N ASN A 42 -19.13 -21.80 -31.14
CA ASN A 42 -19.66 -21.59 -32.51
C ASN A 42 -19.30 -22.81 -33.35
N LYS A 43 -20.24 -23.36 -34.13
CA LYS A 43 -19.95 -24.42 -35.13
C LYS A 43 -19.07 -25.53 -34.50
N GLY A 44 -19.30 -25.86 -33.22
CA GLY A 44 -18.68 -26.99 -32.51
C GLY A 44 -17.22 -26.75 -32.18
N VAL A 45 -16.79 -25.47 -32.13
CA VAL A 45 -15.46 -25.02 -31.63
C VAL A 45 -15.66 -23.80 -30.71
N LEU A 46 -14.60 -23.03 -30.42
CA LEU A 46 -14.67 -21.83 -29.56
C LEU A 46 -14.85 -20.60 -30.44
N PRO A 47 -15.58 -19.56 -29.97
CA PRO A 47 -15.85 -18.35 -30.75
C PRO A 47 -14.60 -17.53 -31.07
N TRP A 48 -13.74 -17.40 -30.07
CA TRP A 48 -12.31 -16.99 -30.16
C TRP A 48 -11.53 -18.24 -30.60
N LYS A 49 -10.37 -18.09 -31.24
CA LYS A 49 -9.51 -19.22 -31.72
C LYS A 49 -9.08 -20.05 -30.48
N CYS A 50 -7.89 -19.74 -29.94
CA CYS A 50 -7.49 -20.05 -28.55
C CYS A 50 -7.82 -18.84 -27.65
N ASN A 51 -7.77 -19.01 -26.34
CA ASN A 51 -7.28 -17.92 -25.47
C ASN A 51 -5.86 -18.31 -25.14
N SER A 52 -5.55 -18.83 -23.96
CA SER A 52 -4.15 -19.21 -23.64
C SER A 52 -3.94 -19.06 -22.13
N LEU A 53 -4.32 -17.88 -21.64
CA LEU A 53 -4.36 -17.56 -20.20
C LEU A 53 -5.66 -18.12 -19.61
N ASP A 54 -6.75 -18.07 -20.37
CA ASP A 54 -8.02 -18.75 -20.05
C ASP A 54 -7.69 -20.25 -19.95
N MET A 55 -6.85 -20.73 -20.87
CA MET A 55 -6.40 -22.14 -20.96
C MET A 55 -5.57 -22.44 -19.71
N LYS A 56 -4.58 -21.62 -19.44
CA LYS A 56 -3.63 -21.79 -18.32
C LYS A 56 -4.42 -21.78 -17.02
N TYR A 57 -5.41 -20.88 -16.87
CA TYR A 57 -6.28 -20.79 -15.68
C TYR A 57 -7.08 -22.07 -15.58
N PHE A 58 -7.71 -22.43 -16.71
CA PHE A 58 -8.49 -23.68 -16.85
C PHE A 58 -7.64 -24.89 -16.45
N CYS A 59 -6.36 -24.89 -16.82
CA CYS A 59 -5.43 -26.02 -16.55
C CYS A 59 -5.13 -26.09 -15.05
N ALA A 60 -4.64 -24.99 -14.47
CA ALA A 60 -4.23 -24.86 -13.07
C ALA A 60 -5.36 -25.35 -12.15
N VAL A 61 -6.59 -24.93 -12.44
CA VAL A 61 -7.74 -25.17 -11.51
C VAL A 61 -8.16 -26.63 -11.59
N THR A 62 -8.29 -27.15 -12.80
CA THR A 62 -8.92 -28.47 -13.06
C THR A 62 -7.92 -29.56 -12.70
N THR A 63 -6.65 -29.20 -12.52
CA THR A 63 -5.54 -30.14 -12.20
C THR A 63 -4.95 -29.84 -10.81
N TYR A 64 -5.42 -28.78 -10.13
CA TYR A 64 -4.93 -28.42 -8.77
C TYR A 64 -5.55 -29.37 -7.77
N VAL A 65 -4.68 -29.95 -6.95
CA VAL A 65 -5.00 -30.98 -5.92
C VAL A 65 -4.24 -30.60 -4.65
N ASN A 66 -4.90 -30.67 -3.50
CA ASN A 66 -4.30 -30.52 -2.15
C ASN A 66 -4.56 -31.76 -1.31
N GLU A 67 -3.51 -32.56 -1.10
CA GLU A 67 -3.61 -33.98 -0.65
C GLU A 67 -3.92 -34.06 0.85
N SER A 68 -3.55 -33.04 1.63
CA SER A 68 -3.92 -32.92 3.06
C SER A 68 -5.44 -32.81 3.17
N LYS A 69 -6.08 -31.94 2.38
CA LYS A 69 -7.51 -31.57 2.59
C LYS A 69 -8.41 -32.67 1.99
N TYR A 70 -7.86 -33.84 1.67
CA TYR A 70 -8.63 -34.98 1.11
C TYR A 70 -9.47 -35.62 2.22
N GLU A 71 -8.79 -36.17 3.24
CA GLU A 71 -9.36 -37.04 4.30
C GLU A 71 -10.67 -36.49 4.84
N LYS A 72 -10.75 -35.19 5.11
CA LYS A 72 -12.00 -34.55 5.62
C LYS A 72 -13.13 -34.88 4.63
N LEU A 73 -12.82 -34.86 3.33
CA LEU A 73 -13.80 -35.07 2.23
C LEU A 73 -14.05 -36.56 1.96
N LYS A 74 -13.05 -37.43 2.16
CA LYS A 74 -13.25 -38.91 2.11
C LYS A 74 -14.20 -39.34 3.22
N TYR A 75 -13.94 -38.92 4.47
CA TYR A 75 -14.88 -39.08 5.61
C TYR A 75 -16.29 -38.66 5.16
N LYS A 76 -16.44 -37.41 4.69
CA LYS A 76 -17.76 -36.77 4.41
C LYS A 76 -18.56 -37.62 3.41
N ARG A 77 -17.88 -38.15 2.38
CA ARG A 77 -18.51 -38.92 1.27
C ARG A 77 -19.05 -40.26 1.78
N CYS A 78 -18.28 -40.95 2.63
CA CYS A 78 -18.64 -42.26 3.22
C CYS A 78 -19.97 -42.12 3.97
N LYS A 79 -19.96 -41.31 5.05
CA LYS A 79 -21.10 -40.96 5.92
C LYS A 79 -22.36 -40.84 5.04
N TYR A 80 -22.31 -40.05 3.96
CA TYR A 80 -23.37 -40.00 2.91
C TYR A 80 -23.34 -41.35 2.17
N LYS A 97 -0.65 -38.95 -5.81
CA LYS A 97 -1.13 -39.13 -7.21
C LYS A 97 -2.62 -38.78 -7.31
N LEU A 98 -3.18 -38.08 -6.31
CA LEU A 98 -4.61 -37.67 -6.27
C LEU A 98 -4.91 -36.77 -7.46
N GLN A 99 -6.11 -36.86 -8.00
CA GLN A 99 -6.51 -36.19 -9.27
C GLN A 99 -7.94 -35.66 -9.14
N ASN A 100 -8.29 -34.67 -9.96
CA ASN A 100 -9.68 -34.16 -10.11
C ASN A 100 -10.37 -34.94 -11.23
N VAL A 101 -11.69 -34.83 -11.31
CA VAL A 101 -12.56 -35.38 -12.38
C VAL A 101 -13.05 -34.24 -13.29
N VAL A 102 -12.80 -34.36 -14.59
CA VAL A 102 -13.45 -33.47 -15.60
C VAL A 102 -14.60 -34.27 -16.24
N VAL A 103 -15.79 -33.68 -16.26
CA VAL A 103 -17.02 -34.22 -16.89
C VAL A 103 -17.34 -33.31 -18.07
N MET A 104 -17.77 -33.90 -19.18
CA MET A 104 -17.65 -33.34 -20.55
C MET A 104 -18.77 -33.88 -21.45
N GLY A 105 -19.51 -33.00 -22.10
CA GLY A 105 -20.39 -33.44 -23.18
C GLY A 105 -19.54 -34.14 -24.22
N ARG A 106 -20.16 -34.92 -25.10
CA ARG A 106 -19.44 -35.69 -26.14
C ARG A 106 -18.91 -34.80 -27.27
N THR A 107 -19.59 -33.73 -27.68
CA THR A 107 -19.11 -32.86 -28.79
C THR A 107 -17.99 -31.96 -28.25
N SER A 108 -18.01 -31.62 -26.95
CA SER A 108 -16.89 -30.89 -26.30
C SER A 108 -15.66 -31.79 -26.32
N TRP A 109 -15.84 -33.09 -26.08
CA TRP A 109 -14.77 -34.11 -26.20
C TRP A 109 -14.20 -34.07 -27.63
N GLU A 110 -15.04 -34.15 -28.66
CA GLU A 110 -14.58 -34.16 -30.07
C GLU A 110 -14.04 -32.80 -30.52
N SER A 111 -14.34 -31.68 -29.85
CA SER A 111 -13.66 -30.39 -30.12
C SER A 111 -12.18 -30.43 -29.65
N ILE A 112 -11.78 -31.32 -28.74
CA ILE A 112 -10.39 -31.39 -28.17
C ILE A 112 -9.44 -32.01 -29.19
N PRO A 113 -8.29 -31.34 -29.48
CA PRO A 113 -7.44 -31.64 -30.64
C PRO A 113 -6.64 -32.95 -30.73
N LYS A 114 -6.79 -33.89 -29.80
CA LYS A 114 -6.29 -35.30 -29.90
C LYS A 114 -4.89 -35.42 -29.30
N LYS A 115 -3.93 -34.67 -29.80
CA LYS A 115 -2.58 -34.61 -29.16
C LYS A 115 -2.79 -34.24 -27.68
N PHE A 116 -3.97 -33.75 -27.28
CA PHE A 116 -4.32 -33.33 -25.89
C PHE A 116 -5.39 -34.24 -25.25
N LYS A 117 -5.82 -35.31 -25.93
CA LYS A 117 -6.84 -36.28 -25.43
C LYS A 117 -6.14 -37.50 -24.86
N PRO A 118 -6.55 -38.05 -23.69
CA PRO A 118 -7.44 -37.36 -22.75
C PRO A 118 -6.68 -36.26 -21.97
N LEU A 119 -7.41 -35.35 -21.30
CA LEU A 119 -6.82 -34.16 -20.64
C LEU A 119 -5.89 -34.62 -19.52
N SER A 120 -4.60 -34.33 -19.64
CA SER A 120 -3.51 -34.94 -18.84
C SER A 120 -3.70 -34.62 -17.36
N ASN A 121 -3.33 -35.58 -16.51
CA ASN A 121 -3.27 -35.48 -15.02
C ASN A 121 -4.69 -35.28 -14.47
N ARG A 122 -5.73 -35.67 -15.21
CA ARG A 122 -7.17 -35.61 -14.80
C ARG A 122 -7.89 -36.91 -15.18
N ILE A 123 -8.89 -37.28 -14.39
CA ILE A 123 -9.87 -38.38 -14.68
C ILE A 123 -10.91 -37.79 -15.63
N ASN A 124 -10.84 -38.16 -16.91
CA ASN A 124 -11.75 -37.69 -17.99
C ASN A 124 -13.05 -38.52 -17.94
N VAL A 125 -14.19 -37.90 -17.67
CA VAL A 125 -15.54 -38.51 -17.82
C VAL A 125 -16.28 -37.91 -19.02
N ILE A 126 -16.64 -38.74 -20.02
CA ILE A 126 -17.53 -38.38 -21.18
C ILE A 126 -18.95 -38.86 -20.90
N LEU A 127 -19.91 -38.09 -21.44
CA LEU A 127 -21.38 -38.11 -21.29
C LEU A 127 -21.94 -38.22 -22.71
N SER A 128 -22.48 -39.39 -23.09
CA SER A 128 -22.95 -39.70 -24.47
C SER A 128 -24.02 -40.78 -24.45
N ARG A 129 -24.95 -40.68 -25.40
CA ARG A 129 -25.98 -41.70 -25.72
C ARG A 129 -25.54 -42.47 -26.97
N THR A 130 -24.98 -41.81 -27.99
CA THR A 130 -24.65 -42.44 -29.32
C THR A 130 -23.32 -43.22 -29.30
N LEU A 131 -22.57 -43.22 -28.21
CA LEU A 131 -21.24 -43.90 -28.11
C LEU A 131 -21.14 -44.61 -26.75
N LYS A 132 -20.41 -45.72 -26.63
CA LYS A 132 -20.21 -46.33 -25.28
C LYS A 132 -18.75 -46.80 -25.10
N LYS A 133 -18.39 -47.12 -23.85
CA LYS A 133 -17.13 -47.81 -23.47
C LYS A 133 -16.47 -48.28 -24.76
N GLU A 134 -17.11 -49.26 -25.40
CA GLU A 134 -16.59 -50.09 -26.51
C GLU A 134 -16.55 -49.27 -27.81
N ASP A 135 -16.06 -48.03 -27.77
CA ASP A 135 -15.46 -47.40 -28.98
C ASP A 135 -14.76 -46.07 -28.65
N PHE A 136 -13.78 -46.08 -27.73
CA PHE A 136 -12.98 -44.87 -27.42
C PHE A 136 -11.48 -45.10 -27.60
N ASP A 137 -10.82 -45.97 -26.83
CA ASP A 137 -9.32 -46.05 -26.82
C ASP A 137 -8.85 -45.15 -25.67
N GLU A 138 -8.56 -45.72 -24.49
CA GLU A 138 -8.57 -45.04 -23.15
C GLU A 138 -9.62 -43.96 -23.25
N ASP A 139 -9.14 -42.79 -23.68
CA ASP A 139 -9.85 -41.49 -23.73
C ASP A 139 -10.67 -41.23 -22.42
N VAL A 140 -11.19 -42.23 -21.65
CA VAL A 140 -12.13 -41.92 -20.52
C VAL A 140 -12.80 -43.10 -19.80
N TYR A 141 -13.64 -42.73 -18.81
CA TYR A 141 -14.94 -43.34 -18.38
C TYR A 141 -16.09 -42.76 -19.22
N ILE A 142 -16.97 -43.63 -19.72
CA ILE A 142 -18.18 -43.23 -20.51
C ILE A 142 -19.43 -43.45 -19.64
N ILE A 143 -20.21 -42.40 -19.43
CA ILE A 143 -21.51 -42.47 -18.71
C ILE A 143 -22.56 -41.93 -19.67
N ASN A 144 -23.85 -42.19 -19.41
CA ASN A 144 -24.98 -41.92 -20.33
C ASN A 144 -26.09 -41.18 -19.59
N LYS A 145 -25.83 -40.78 -18.35
CA LYS A 145 -26.87 -40.19 -17.48
C LYS A 145 -26.15 -39.42 -16.37
N VAL A 146 -26.80 -38.39 -15.81
CA VAL A 146 -26.23 -37.56 -14.72
C VAL A 146 -26.05 -38.47 -13.51
N GLU A 147 -27.15 -38.80 -12.84
CA GLU A 147 -27.23 -39.77 -11.72
C GLU A 147 -26.70 -41.11 -12.24
N ASP A 148 -25.37 -41.19 -12.34
CA ASP A 148 -24.57 -42.23 -13.06
C ASP A 148 -23.11 -41.76 -12.93
N LEU A 149 -22.91 -40.44 -12.86
CA LEU A 149 -21.68 -39.78 -12.37
C LEU A 149 -21.57 -39.92 -10.85
N ILE A 150 -22.69 -39.82 -10.12
CA ILE A 150 -22.70 -39.99 -8.63
C ILE A 150 -22.15 -41.38 -8.31
N VAL A 151 -22.54 -42.38 -9.11
CA VAL A 151 -22.17 -43.81 -8.88
C VAL A 151 -20.66 -43.83 -8.74
N LEU A 152 -19.99 -43.25 -9.75
CA LEU A 152 -18.53 -43.23 -9.97
C LEU A 152 -17.81 -42.44 -8.86
N LEU A 153 -18.36 -41.29 -8.45
CA LEU A 153 -17.72 -40.40 -7.45
C LEU A 153 -17.81 -41.01 -6.06
N GLY A 154 -18.86 -41.78 -5.78
CA GLY A 154 -19.01 -42.55 -4.52
C GLY A 154 -18.04 -43.71 -4.51
N LYS A 155 -17.52 -44.07 -5.68
CA LYS A 155 -16.60 -45.22 -5.88
C LYS A 155 -15.14 -44.74 -5.98
N LEU A 156 -14.90 -43.56 -6.57
CA LEU A 156 -13.55 -43.17 -7.11
C LEU A 156 -12.72 -42.46 -6.03
N ASN A 157 -11.39 -42.51 -6.18
CA ASN A 157 -10.40 -41.64 -5.48
C ASN A 157 -10.10 -40.41 -6.35
N TYR A 158 -10.72 -39.28 -6.00
CA TYR A 158 -10.60 -38.00 -6.72
C TYR A 158 -10.62 -36.88 -5.68
N TYR A 159 -9.94 -35.76 -5.95
CA TYR A 159 -10.09 -34.50 -5.17
C TYR A 159 -11.48 -33.93 -5.46
N LYS A 160 -11.58 -32.90 -6.32
CA LYS A 160 -12.84 -32.20 -6.64
C LYS A 160 -13.34 -32.64 -8.01
N CYS A 161 -14.62 -32.44 -8.34
CA CYS A 161 -15.22 -32.75 -9.68
C CYS A 161 -15.62 -31.47 -10.41
N PHE A 162 -14.94 -31.13 -11.52
CA PHE A 162 -15.26 -29.95 -12.35
C PHE A 162 -16.06 -30.36 -13.60
N ILE A 163 -17.18 -29.67 -13.87
CA ILE A 163 -18.07 -29.89 -15.04
C ILE A 163 -17.70 -28.84 -16.09
N ILE A 164 -17.06 -29.26 -17.19
CA ILE A 164 -16.34 -28.37 -18.16
C ILE A 164 -17.20 -28.18 -19.40
N GLY A 165 -18.44 -28.69 -19.40
CA GLY A 165 -19.48 -28.43 -20.43
C GLY A 165 -19.51 -29.50 -21.53
N GLY A 166 -20.09 -29.19 -22.69
CA GLY A 166 -20.47 -27.85 -23.10
C GLY A 166 -21.86 -27.47 -22.64
N SER A 167 -22.51 -26.58 -23.40
CA SER A 167 -23.78 -25.92 -23.03
C SER A 167 -24.82 -26.93 -22.53
N VAL A 168 -25.09 -27.97 -23.33
CA VAL A 168 -26.14 -28.98 -23.03
C VAL A 168 -25.85 -29.63 -21.66
N VAL A 169 -24.57 -29.78 -21.29
CA VAL A 169 -24.14 -30.36 -19.98
C VAL A 169 -24.38 -29.31 -18.90
N TYR A 170 -23.78 -28.12 -19.04
CA TYR A 170 -23.88 -27.01 -18.05
C TYR A 170 -25.35 -26.89 -17.64
N GLN A 171 -26.21 -26.71 -18.65
CA GLN A 171 -27.69 -26.59 -18.57
C GLN A 171 -28.28 -27.65 -17.64
N GLU A 172 -28.17 -28.94 -17.98
CA GLU A 172 -28.92 -29.99 -17.25
C GLU A 172 -28.33 -30.09 -15.84
N PHE A 173 -27.08 -29.70 -15.64
CA PHE A 173 -26.41 -29.72 -14.32
C PHE A 173 -26.92 -28.61 -13.40
N LEU A 174 -27.26 -27.42 -13.93
CA LEU A 174 -27.69 -26.27 -13.08
C LEU A 174 -29.17 -26.43 -12.71
N GLU A 175 -30.03 -26.75 -13.66
CA GLU A 175 -31.49 -27.00 -13.43
C GLU A 175 -31.69 -28.19 -12.48
N LYS A 176 -30.64 -28.93 -12.12
CA LYS A 176 -30.67 -30.03 -11.12
C LYS A 176 -30.10 -29.56 -9.77
N LYS A 177 -29.70 -28.30 -9.66
CA LYS A 177 -29.12 -27.76 -8.40
C LYS A 177 -27.99 -28.70 -7.95
N LEU A 178 -27.03 -28.97 -8.84
CA LEU A 178 -25.89 -29.90 -8.64
C LEU A 178 -24.52 -29.19 -8.70
N ILE A 179 -24.47 -27.90 -9.02
CA ILE A 179 -23.21 -27.10 -9.10
C ILE A 179 -23.10 -26.22 -7.84
N LYS A 180 -21.97 -26.30 -7.14
CA LYS A 180 -21.70 -25.66 -5.81
C LYS A 180 -21.07 -24.27 -5.99
N LYS A 181 -20.30 -24.09 -7.07
CA LYS A 181 -19.79 -22.79 -7.56
C LYS A 181 -19.51 -22.88 -9.07
N ILE A 182 -19.15 -21.78 -9.71
CA ILE A 182 -18.88 -21.68 -11.18
C ILE A 182 -17.62 -20.83 -11.34
N TYR A 183 -16.64 -21.32 -12.09
CA TYR A 183 -15.38 -20.59 -12.40
C TYR A 183 -15.52 -20.01 -13.81
N PHE A 184 -16.21 -18.88 -13.87
CA PHE A 184 -16.64 -18.16 -15.09
C PHE A 184 -15.54 -17.17 -15.49
N THR A 185 -14.96 -17.34 -16.68
CA THR A 185 -14.02 -16.38 -17.33
C THR A 185 -14.84 -15.46 -18.22
N ARG A 186 -14.62 -14.16 -18.13
CA ARG A 186 -15.28 -13.19 -19.04
C ARG A 186 -14.26 -12.79 -20.10
N ILE A 187 -14.54 -13.16 -21.36
CA ILE A 187 -13.70 -12.81 -22.53
C ILE A 187 -14.26 -11.51 -23.14
N ASN A 188 -13.74 -10.35 -22.71
CA ASN A 188 -14.29 -9.01 -23.03
C ASN A 188 -13.95 -8.66 -24.49
N SER A 189 -14.41 -9.49 -25.43
CA SER A 189 -14.55 -9.16 -26.88
C SER A 189 -15.80 -9.84 -27.41
N THR A 190 -16.22 -9.47 -28.63
CA THR A 190 -17.42 -10.03 -29.29
C THR A 190 -17.01 -11.02 -30.38
N TYR A 191 -17.65 -12.17 -30.41
CA TYR A 191 -17.40 -13.20 -31.44
C TYR A 191 -18.71 -13.82 -31.92
N GLU A 192 -18.68 -14.39 -33.12
CA GLU A 192 -19.79 -15.24 -33.65
C GLU A 192 -20.00 -16.42 -32.69
N CYS A 193 -21.28 -16.70 -32.38
CA CYS A 193 -21.70 -17.74 -31.40
C CYS A 193 -22.95 -18.51 -31.88
N ASP A 194 -23.03 -19.83 -31.63
CA ASP A 194 -24.30 -20.60 -31.83
C ASP A 194 -24.75 -21.35 -30.57
N VAL A 195 -23.88 -21.56 -29.59
CA VAL A 195 -24.24 -22.16 -28.27
C VAL A 195 -23.85 -21.17 -27.19
N PHE A 196 -24.70 -21.06 -26.16
CA PHE A 196 -24.57 -20.02 -25.10
C PHE A 196 -24.59 -20.73 -23.74
N PHE A 197 -23.94 -20.15 -22.73
CA PHE A 197 -24.16 -20.49 -21.30
C PHE A 197 -25.55 -20.03 -20.89
N PRO A 198 -26.24 -20.73 -19.97
CA PRO A 198 -27.60 -20.33 -19.61
C PRO A 198 -27.54 -19.20 -18.60
N GLU A 199 -28.49 -18.28 -18.70
CA GLU A 199 -28.74 -17.20 -17.70
C GLU A 199 -28.58 -17.83 -16.31
N ILE A 200 -27.63 -17.33 -15.53
CA ILE A 200 -27.51 -17.64 -14.08
C ILE A 200 -28.64 -16.88 -13.38
N ASN A 201 -29.35 -17.49 -12.42
CA ASN A 201 -30.35 -16.78 -11.58
C ASN A 201 -29.63 -16.13 -10.38
N GLU A 202 -29.85 -14.82 -10.17
CA GLU A 202 -29.25 -14.02 -9.06
C GLU A 202 -29.63 -14.64 -7.71
N ASN A 203 -30.79 -15.29 -7.61
CA ASN A 203 -31.31 -15.82 -6.32
C ASN A 203 -30.57 -17.09 -5.95
N GLU A 204 -30.18 -17.88 -6.95
CA GLU A 204 -29.51 -19.19 -6.74
C GLU A 204 -27.99 -18.98 -6.61
N TYR A 205 -27.44 -17.91 -7.19
CA TYR A 205 -25.97 -17.68 -7.25
C TYR A 205 -25.64 -16.20 -7.01
N GLN A 206 -24.73 -15.90 -6.06
CA GLN A 206 -24.12 -14.55 -5.86
C GLN A 206 -22.60 -14.67 -6.14
N ILE A 207 -22.02 -13.67 -6.84
CA ILE A 207 -20.55 -13.54 -7.08
C ILE A 207 -19.87 -13.25 -5.72
N ILE A 208 -18.96 -14.11 -5.26
CA ILE A 208 -18.24 -13.92 -3.95
C ILE A 208 -16.85 -13.33 -4.20
N SER A 209 -16.37 -13.31 -5.44
CA SER A 209 -14.94 -13.10 -5.76
C SER A 209 -14.74 -12.76 -7.23
N VAL A 210 -13.91 -11.76 -7.49
CA VAL A 210 -13.53 -11.31 -8.85
C VAL A 210 -12.04 -11.04 -8.80
N SER A 211 -11.34 -11.27 -9.90
CA SER A 211 -9.86 -11.34 -10.00
C SER A 211 -9.33 -10.17 -10.81
N ASP A 212 -8.01 -10.03 -10.80
CA ASP A 212 -7.23 -9.15 -11.71
C ASP A 212 -7.75 -9.32 -13.14
N VAL A 213 -7.65 -8.25 -13.95
CA VAL A 213 -7.90 -8.21 -15.42
C VAL A 213 -6.57 -8.48 -16.11
N TYR A 214 -6.61 -9.25 -17.20
CA TYR A 214 -5.43 -9.55 -18.06
C TYR A 214 -5.77 -9.21 -19.51
N THR A 215 -4.75 -9.03 -20.34
CA THR A 215 -4.85 -9.03 -21.83
C THR A 215 -4.22 -10.32 -22.33
N SER A 216 -4.94 -11.08 -23.18
CA SER A 216 -4.45 -12.33 -23.82
C SER A 216 -5.01 -12.46 -25.24
N ASN A 217 -4.14 -12.76 -26.19
CA ASN A 217 -4.47 -12.88 -27.64
C ASN A 217 -5.37 -11.71 -28.01
N ASN A 218 -5.06 -10.51 -27.52
CA ASN A 218 -5.70 -9.25 -28.01
C ASN A 218 -7.14 -9.16 -27.50
N THR A 219 -7.40 -9.58 -26.25
CA THR A 219 -8.61 -9.19 -25.49
C THR A 219 -8.35 -9.10 -23.98
N THR A 220 -8.99 -8.14 -23.29
CA THR A 220 -9.10 -8.18 -21.80
C THR A 220 -10.00 -9.36 -21.43
N LEU A 221 -9.70 -9.94 -20.27
CA LEU A 221 -10.42 -11.07 -19.63
C LEU A 221 -10.13 -11.00 -18.13
N ASP A 222 -11.07 -11.52 -17.35
CA ASP A 222 -11.01 -11.52 -15.87
C ASP A 222 -11.64 -12.86 -15.44
N PHE A 223 -11.49 -13.23 -14.18
CA PHE A 223 -11.98 -14.51 -13.60
C PHE A 223 -12.88 -14.20 -12.40
N ILE A 224 -14.11 -14.70 -12.43
CA ILE A 224 -15.09 -14.50 -11.32
C ILE A 224 -15.60 -15.86 -10.88
N ILE A 225 -15.80 -15.99 -9.57
CA ILE A 225 -16.47 -17.12 -8.87
C ILE A 225 -17.90 -16.70 -8.51
N TYR A 226 -18.89 -17.51 -8.91
CA TYR A 226 -20.29 -17.48 -8.40
C TYR A 226 -20.45 -18.62 -7.40
N LYS A 227 -21.14 -18.37 -6.28
CA LYS A 227 -21.40 -19.37 -5.19
C LYS A 227 -22.91 -19.58 -5.03
N LYS A 228 -23.31 -20.83 -4.74
CA LYS A 228 -24.72 -21.21 -4.44
C LYS A 228 -25.13 -20.54 -3.11
N THR A 229 -26.18 -19.73 -3.16
CA THR A 229 -26.71 -18.90 -2.03
C THR A 229 -27.56 -19.77 -1.09
N ASN A 230 -28.03 -19.20 0.04
CA ASN A 230 -28.84 -19.90 1.08
C ASN A 230 -30.30 -19.41 1.10
N ASN A 231 -31.01 -19.42 -0.04
CA ASN A 231 -32.43 -19.00 -0.17
C ASN A 231 -33.28 -20.20 -0.61
N ASP A 283 1.68 -25.28 13.66
CA ASP A 283 1.55 -24.06 14.51
C ASP A 283 0.25 -23.32 14.16
N ASP A 284 -0.78 -23.42 15.01
CA ASP A 284 -2.03 -22.63 14.94
C ASP A 284 -2.10 -21.72 16.17
N GLU A 285 -0.94 -21.36 16.73
CA GLU A 285 -0.77 -20.46 17.90
C GLU A 285 -0.63 -19.02 17.38
N GLU A 286 -0.17 -18.87 16.13
CA GLU A 286 -0.21 -17.64 15.29
C GLU A 286 -1.67 -17.17 15.11
N GLU A 287 -2.38 -16.85 16.20
CA GLU A 287 -3.87 -16.75 16.22
C GLU A 287 -4.32 -15.79 17.34
N ASP A 288 -3.90 -16.05 18.59
CA ASP A 288 -4.11 -15.17 19.77
C ASP A 288 -3.37 -13.83 19.56
N ASP A 289 -2.03 -13.87 19.52
CA ASP A 289 -1.09 -12.73 19.31
C ASP A 289 -1.70 -11.61 18.43
N PHE A 290 -2.27 -11.96 17.27
CA PHE A 290 -3.02 -11.03 16.39
C PHE A 290 -3.99 -10.23 17.27
N VAL A 291 -4.85 -10.93 18.01
CA VAL A 291 -5.90 -10.37 18.92
C VAL A 291 -5.22 -9.45 19.93
N TYR A 292 -4.08 -9.86 20.47
CA TYR A 292 -3.29 -9.12 21.50
C TYR A 292 -2.78 -7.80 20.88
N PHE A 293 -1.79 -7.93 19.98
CA PHE A 293 -1.26 -6.82 19.15
C PHE A 293 -2.40 -5.96 18.58
N ASN A 294 -3.63 -6.46 18.54
CA ASN A 294 -4.83 -5.67 18.16
C ASN A 294 -5.52 -5.02 19.38
N PHE A 295 -4.91 -5.03 20.57
CA PHE A 295 -5.60 -4.57 21.79
C PHE A 295 -6.05 -3.10 21.63
N ASN A 296 -5.20 -2.19 21.16
CA ASN A 296 -5.48 -0.73 21.19
C ASN A 296 -6.29 -0.26 19.96
N LYS A 297 -7.03 -1.14 19.29
CA LYS A 297 -7.85 -0.75 18.10
C LYS A 297 -9.11 0.02 18.53
N GLU A 298 -9.38 1.13 17.83
CA GLU A 298 -10.43 2.14 18.15
C GLU A 298 -11.84 1.54 18.02
N LYS A 299 -12.11 0.82 16.92
CA LYS A 299 -13.47 0.39 16.48
C LYS A 299 -13.84 -0.95 17.12
N GLU A 300 -14.69 -0.92 18.15
CA GLU A 300 -15.61 -2.05 18.50
C GLU A 300 -16.82 -1.95 17.57
N GLU A 301 -17.15 -0.71 17.19
CA GLU A 301 -17.84 -0.22 15.95
C GLU A 301 -19.02 0.72 16.31
N LYS A 302 -18.75 1.73 17.14
CA LYS A 302 -19.50 3.02 17.18
C LYS A 302 -19.12 3.80 15.91
N ASN A 303 -19.74 3.45 14.77
CA ASN A 303 -19.28 3.75 13.38
C ASN A 303 -18.92 5.24 13.27
N LYS A 304 -17.70 5.54 12.78
CA LYS A 304 -16.89 6.75 13.10
C LYS A 304 -17.42 7.93 12.29
N ASN A 305 -17.94 7.62 11.08
CA ASN A 305 -18.84 8.49 10.26
C ASN A 305 -20.19 7.77 10.09
N SER A 306 -21.31 8.52 10.11
CA SER A 306 -22.74 8.09 9.93
C SER A 306 -22.92 7.43 8.56
N ILE A 307 -22.18 6.35 8.30
CA ILE A 307 -22.39 5.39 7.17
C ILE A 307 -22.76 4.06 7.84
N HIS A 308 -23.90 3.48 7.47
CA HIS A 308 -24.35 2.14 7.94
C HIS A 308 -23.86 1.13 6.92
N PRO A 309 -22.85 0.30 7.24
CA PRO A 309 -22.20 -0.55 6.25
C PRO A 309 -23.12 -1.66 5.73
N ASN A 310 -24.25 -1.91 6.42
CA ASN A 310 -25.36 -2.77 5.94
C ASN A 310 -26.03 -2.15 4.70
N ASP A 311 -25.69 -0.91 4.29
CA ASP A 311 -26.07 -0.36 2.96
C ASP A 311 -25.14 -0.88 1.86
N PHE A 312 -23.92 -1.37 2.21
CA PHE A 312 -22.87 -1.98 1.31
C PHE A 312 -22.86 -3.52 1.32
N GLN A 313 -24.03 -4.15 1.36
CA GLN A 313 -24.20 -5.64 1.39
C GLN A 313 -23.22 -6.30 0.41
N ILE A 314 -23.34 -5.97 -0.87
CA ILE A 314 -22.56 -6.67 -1.93
C ILE A 314 -21.06 -6.41 -1.73
N TYR A 315 -20.63 -5.15 -1.56
CA TYR A 315 -19.19 -4.80 -1.43
C TYR A 315 -18.52 -5.72 -0.40
N ASN A 316 -19.08 -5.82 0.83
CA ASN A 316 -18.48 -6.55 1.98
C ASN A 316 -18.65 -8.04 1.80
N SER A 317 -19.64 -8.44 0.97
CA SER A 317 -20.04 -9.85 0.70
C SER A 317 -19.01 -10.53 -0.20
N LEU A 318 -18.23 -9.78 -0.97
CA LEU A 318 -17.17 -10.31 -1.85
C LEU A 318 -16.00 -10.75 -0.98
N LYS A 319 -15.46 -11.95 -1.24
CA LYS A 319 -14.34 -12.53 -0.46
C LYS A 319 -13.04 -11.93 -1.02
N TYR A 320 -12.76 -12.15 -2.30
CA TYR A 320 -11.52 -11.69 -2.98
C TYR A 320 -11.88 -10.60 -3.98
N LYS A 321 -11.46 -9.36 -3.69
CA LYS A 321 -11.67 -8.18 -4.57
C LYS A 321 -10.32 -7.79 -5.18
N TYR A 322 -9.92 -8.47 -6.26
CA TYR A 322 -8.58 -8.36 -6.89
C TYR A 322 -8.67 -7.52 -8.17
N HIS A 323 -9.88 -7.27 -8.69
CA HIS A 323 -10.13 -6.37 -9.84
C HIS A 323 -9.48 -5.03 -9.53
N PRO A 324 -8.68 -4.45 -10.45
CA PRO A 324 -7.88 -3.30 -10.10
C PRO A 324 -8.78 -2.08 -9.79
N GLU A 325 -10.04 -2.07 -10.24
CA GLU A 325 -11.03 -1.00 -9.89
C GLU A 325 -11.26 -0.98 -8.38
N TYR A 326 -11.09 -2.10 -7.70
CA TYR A 326 -11.30 -2.17 -6.23
C TYR A 326 -10.27 -1.28 -5.52
N GLN A 327 -9.21 -0.84 -6.20
CA GLN A 327 -8.25 0.15 -5.64
C GLN A 327 -8.88 1.53 -5.55
N TYR A 328 -9.78 1.87 -6.48
CA TYR A 328 -10.51 3.17 -6.47
C TYR A 328 -11.64 3.02 -5.45
N LEU A 329 -12.53 2.05 -5.64
CA LEU A 329 -13.63 1.70 -4.71
C LEU A 329 -13.10 1.57 -3.27
N ASN A 330 -12.00 0.85 -3.06
CA ASN A 330 -11.52 0.62 -1.67
C ASN A 330 -11.23 1.94 -0.98
N ILE A 331 -10.71 2.93 -1.72
CA ILE A 331 -10.36 4.29 -1.20
C ILE A 331 -11.64 5.06 -0.83
N ILE A 332 -12.63 5.03 -1.70
CA ILE A 332 -13.97 5.56 -1.36
C ILE A 332 -14.40 4.96 -0.03
N TYR A 333 -14.38 3.65 0.11
CA TYR A 333 -14.73 2.98 1.40
C TYR A 333 -13.79 3.48 2.52
N ASP A 334 -12.47 3.56 2.33
CA ASP A 334 -11.54 3.99 3.41
C ASP A 334 -11.90 5.43 3.81
N ILE A 335 -12.18 6.29 2.83
CA ILE A 335 -12.57 7.71 3.11
C ILE A 335 -13.94 7.73 3.77
N MET A 336 -14.90 6.95 3.29
CA MET A 336 -16.27 6.98 3.83
C MET A 336 -16.24 6.57 5.30
N MET A 337 -15.57 5.46 5.60
CA MET A 337 -15.64 4.79 6.93
C MET A 337 -14.71 5.51 7.91
N ASN A 338 -13.69 6.22 7.40
CA ASN A 338 -12.55 6.69 8.21
C ASN A 338 -12.19 8.16 7.96
N GLY A 339 -12.85 8.84 7.01
CA GLY A 339 -12.56 10.24 6.68
C GLY A 339 -12.60 11.18 7.90
N ASN A 340 -11.91 12.32 7.80
CA ASN A 340 -12.04 13.45 8.74
C ASN A 340 -13.12 14.39 8.22
N LYS A 341 -14.10 14.75 9.05
CA LYS A 341 -15.13 15.73 8.64
C LYS A 341 -14.47 17.10 8.52
N GLN A 342 -14.39 17.65 7.29
CA GLN A 342 -13.95 19.04 6.99
C GLN A 342 -14.98 19.74 6.08
N SER A 343 -15.03 21.07 6.14
CA SER A 343 -15.81 21.94 5.22
C SER A 343 -14.85 22.97 4.60
N ASP A 344 -15.08 23.33 3.34
CA ASP A 344 -14.07 24.10 2.55
C ASP A 344 -14.52 25.55 2.30
N ARG A 345 -13.59 26.33 1.75
CA ARG A 345 -13.78 27.65 1.06
C ARG A 345 -15.27 28.03 1.04
N THR A 346 -16.07 27.26 0.27
CA THR A 346 -17.48 27.58 -0.11
C THR A 346 -18.47 27.11 0.97
N GLY A 347 -18.04 26.19 1.86
CA GLY A 347 -18.83 25.55 2.93
C GLY A 347 -19.26 24.10 2.63
N VAL A 348 -18.85 23.54 1.47
CA VAL A 348 -19.53 22.41 0.75
C VAL A 348 -19.46 21.11 1.56
N GLY A 349 -18.40 20.93 2.37
CA GLY A 349 -18.27 19.78 3.30
C GLY A 349 -17.65 18.57 2.64
N VAL A 350 -16.62 18.01 3.26
CA VAL A 350 -15.98 16.76 2.77
C VAL A 350 -15.61 15.90 3.96
N LEU A 351 -15.27 14.66 3.63
CA LEU A 351 -14.52 13.68 4.44
C LEU A 351 -13.17 13.50 3.74
N SER A 352 -12.05 13.63 4.47
CA SER A 352 -10.68 13.68 3.90
C SER A 352 -9.79 12.61 4.53
N LYS A 353 -8.83 12.13 3.75
CA LYS A 353 -7.59 11.46 4.24
C LYS A 353 -6.44 12.00 3.38
N PHE A 354 -5.23 11.73 3.85
CA PHE A 354 -3.94 12.15 3.23
C PHE A 354 -3.11 10.94 2.79
N GLY A 355 -2.97 10.71 1.49
CA GLY A 355 -1.85 9.88 0.96
C GLY A 355 -2.27 8.46 0.63
N TYR A 356 -2.46 8.20 -0.66
CA TYR A 356 -2.80 6.87 -1.24
C TYR A 356 -1.95 6.69 -2.50
N ILE A 357 -1.60 5.45 -2.84
CA ILE A 357 -1.02 5.03 -4.17
C ILE A 357 -2.00 4.06 -4.80
N MET A 358 -2.34 4.26 -6.07
CA MET A 358 -2.99 3.27 -6.97
C MET A 358 -1.97 2.97 -8.07
N LYS A 359 -1.85 1.69 -8.48
CA LYS A 359 -1.05 1.31 -9.67
C LYS A 359 -1.99 0.59 -10.62
N PHE A 360 -1.86 0.82 -11.91
CA PHE A 360 -2.62 0.11 -12.96
C PHE A 360 -1.65 -0.38 -14.05
N ASP A 361 -1.77 -1.65 -14.46
CA ASP A 361 -0.93 -2.21 -15.56
C ASP A 361 -1.58 -1.92 -16.92
N LEU A 362 -1.08 -0.90 -17.62
CA LEU A 362 -1.61 -0.45 -18.94
C LEU A 362 -1.33 -1.55 -19.98
N SER A 363 -0.38 -2.46 -19.72
CA SER A 363 -0.03 -3.61 -20.59
C SER A 363 -1.17 -4.65 -20.59
N GLN A 364 -2.02 -4.65 -19.57
CA GLN A 364 -3.05 -5.68 -19.31
C GLN A 364 -4.48 -5.15 -19.47
N TYR A 365 -4.69 -3.82 -19.45
CA TYR A 365 -6.02 -3.20 -19.63
C TYR A 365 -5.92 -1.67 -19.65
N PHE A 366 -7.08 -1.00 -19.73
CA PHE A 366 -7.16 0.48 -19.66
C PHE A 366 -8.17 0.84 -18.56
N PRO A 367 -7.69 1.37 -17.40
CA PRO A 367 -8.49 1.45 -16.17
C PRO A 367 -9.61 2.50 -16.19
N LEU A 368 -10.63 2.30 -17.02
CA LEU A 368 -11.79 3.23 -17.13
C LEU A 368 -12.92 2.70 -16.24
N LEU A 369 -13.27 3.37 -15.14
CA LEU A 369 -14.18 2.76 -14.12
C LEU A 369 -15.34 2.07 -14.83
N THR A 370 -15.65 0.85 -14.41
CA THR A 370 -16.77 0.06 -14.99
C THR A 370 -17.99 0.16 -14.07
N THR A 371 -17.87 0.71 -12.87
CA THR A 371 -19.02 0.78 -11.94
C THR A 371 -19.87 2.00 -12.28
N LYS A 372 -19.51 2.75 -13.34
CA LYS A 372 -20.40 3.76 -13.95
C LYS A 372 -19.91 4.10 -15.37
N LYS A 373 -20.73 4.84 -16.11
CA LYS A 373 -20.46 5.26 -17.50
C LYS A 373 -19.49 6.43 -17.47
N LEU A 374 -18.54 6.47 -18.39
CA LEU A 374 -17.58 7.60 -18.54
C LEU A 374 -17.32 7.81 -20.03
N PHE A 375 -17.49 9.03 -20.51
CA PHE A 375 -17.12 9.47 -21.87
C PHE A 375 -15.73 10.10 -21.82
N LEU A 376 -14.88 9.85 -22.81
CA LEU A 376 -13.47 10.30 -22.83
C LEU A 376 -13.22 11.38 -23.88
N ARG A 377 -14.23 11.78 -24.68
CA ARG A 377 -13.96 12.75 -25.78
C ARG A 377 -13.39 14.05 -25.17
N GLY A 378 -14.07 14.57 -24.14
CA GLY A 378 -13.71 15.80 -23.40
C GLY A 378 -12.28 15.73 -22.89
N ILE A 379 -11.96 14.73 -22.07
CA ILE A 379 -10.62 14.64 -21.41
C ILE A 379 -9.55 14.39 -22.48
N ILE A 380 -9.88 13.85 -23.64
CA ILE A 380 -8.85 13.61 -24.71
C ILE A 380 -8.59 14.94 -25.40
N GLU A 381 -9.63 15.69 -25.77
CA GLU A 381 -9.45 17.04 -26.39
C GLU A 381 -8.57 17.88 -25.45
N GLU A 382 -8.90 17.90 -24.17
CA GLU A 382 -8.16 18.61 -23.12
C GLU A 382 -6.67 18.29 -23.15
N LEU A 383 -6.34 17.01 -23.18
CA LEU A 383 -4.94 16.52 -23.18
C LEU A 383 -4.27 16.98 -24.48
N LEU A 384 -4.99 16.95 -25.60
CA LEU A 384 -4.42 17.39 -26.91
C LEU A 384 -4.16 18.90 -26.84
N TRP A 385 -5.13 19.66 -26.28
CA TRP A 385 -5.09 21.12 -25.95
C TRP A 385 -3.82 21.47 -25.16
N PHE A 386 -3.60 20.80 -24.01
CA PHE A 386 -2.38 20.93 -23.17
C PHE A 386 -1.11 20.77 -24.01
N ILE A 387 -1.02 19.67 -24.78
CA ILE A 387 0.17 19.35 -25.63
C ILE A 387 0.35 20.43 -26.72
N ARG A 388 -0.74 20.97 -27.26
CA ARG A 388 -0.66 22.09 -28.24
C ARG A 388 -0.05 23.35 -27.57
N GLY A 389 -0.19 23.46 -26.24
CA GLY A 389 0.38 24.55 -25.41
C GLY A 389 -0.65 25.61 -25.10
N GLU A 390 -1.88 25.42 -25.60
CA GLU A 390 -3.01 26.37 -25.57
C GLU A 390 -3.34 26.67 -24.12
N THR A 391 -4.06 27.78 -23.87
CA THR A 391 -4.67 28.15 -22.57
C THR A 391 -5.99 28.88 -22.86
N ASN A 392 -6.47 28.76 -24.12
CA ASN A 392 -7.67 29.42 -24.68
C ASN A 392 -8.87 28.52 -24.37
N GLY A 393 -9.76 28.96 -23.48
CA GLY A 393 -10.89 28.11 -23.07
C GLY A 393 -11.85 27.94 -24.22
N ASN A 394 -11.87 28.92 -25.12
CA ASN A 394 -12.85 29.03 -26.24
C ASN A 394 -12.68 27.78 -27.09
N THR A 395 -11.41 27.40 -27.38
CA THR A 395 -11.00 26.28 -28.27
C THR A 395 -11.78 25.02 -27.93
N LEU A 396 -11.89 24.71 -26.62
CA LEU A 396 -12.68 23.57 -26.07
C LEU A 396 -14.19 23.87 -26.17
N LEU A 397 -14.64 25.05 -25.76
CA LEU A 397 -16.08 25.41 -25.83
C LEU A 397 -16.60 25.23 -27.27
N ASN A 398 -15.73 25.47 -28.27
CA ASN A 398 -16.02 25.34 -29.73
C ASN A 398 -16.00 23.85 -30.16
N LYS A 399 -15.64 22.93 -29.26
CA LYS A 399 -15.72 21.45 -29.44
C LYS A 399 -16.70 20.86 -28.42
N ASN A 400 -17.47 21.70 -27.73
CA ASN A 400 -18.46 21.30 -26.69
C ASN A 400 -17.79 20.43 -25.61
N VAL A 401 -16.67 20.93 -25.09
CA VAL A 401 -15.98 20.43 -23.86
C VAL A 401 -15.99 21.56 -22.82
N ARG A 402 -16.85 21.43 -21.80
CA ARG A 402 -17.20 22.52 -20.85
C ARG A 402 -16.36 22.39 -19.58
N ILE A 403 -15.29 21.58 -19.59
CA ILE A 403 -14.49 21.23 -18.38
C ILE A 403 -14.12 22.52 -17.65
N TRP A 404 -13.49 23.46 -18.36
CA TRP A 404 -12.87 24.69 -17.84
C TRP A 404 -13.80 25.90 -18.03
N GLU A 405 -15.06 25.71 -18.45
CA GLU A 405 -16.01 26.84 -18.69
C GLU A 405 -16.14 27.62 -17.37
N ALA A 406 -16.38 26.92 -16.25
CA ALA A 406 -16.61 27.54 -14.93
C ALA A 406 -15.36 28.33 -14.54
N ASN A 407 -14.17 27.86 -14.95
CA ASN A 407 -12.89 28.43 -14.45
C ASN A 407 -12.45 29.63 -15.32
N GLY A 408 -13.26 30.05 -16.31
CA GLY A 408 -12.87 31.12 -17.23
C GLY A 408 -13.88 32.25 -17.31
N THR A 409 -14.90 32.28 -16.46
CA THR A 409 -16.00 33.29 -16.56
C THR A 409 -15.54 34.55 -15.84
N ARG A 410 -16.01 35.70 -16.30
CA ARG A 410 -15.71 37.02 -15.70
C ARG A 410 -15.78 36.86 -14.19
N GLU A 411 -16.90 36.32 -13.68
CA GLU A 411 -17.16 36.17 -12.23
C GLU A 411 -15.94 35.50 -11.61
N PHE A 412 -15.62 34.27 -12.04
CA PHE A 412 -14.58 33.40 -11.42
C PHE A 412 -13.22 34.11 -11.47
N LEU A 413 -12.83 34.66 -12.62
CA LEU A 413 -11.52 35.36 -12.77
C LEU A 413 -11.49 36.56 -11.82
N ASP A 414 -12.64 37.20 -11.61
CA ASP A 414 -12.77 38.38 -10.71
C ASP A 414 -12.47 37.94 -9.27
N ASN A 415 -13.12 36.94 -8.69
CA ASN A 415 -12.75 36.49 -7.32
C ASN A 415 -11.26 36.06 -7.27
N ARG A 416 -10.65 35.66 -8.39
CA ARG A 416 -9.21 35.27 -8.41
C ARG A 416 -8.32 36.51 -8.43
N LYS A 417 -8.93 37.68 -8.52
CA LYS A 417 -8.22 38.98 -8.64
C LYS A 417 -7.49 39.02 -10.00
N LEU A 418 -8.10 38.46 -11.04
CA LEU A 418 -7.57 38.50 -12.43
C LEU A 418 -8.44 39.41 -13.29
N PHE A 419 -8.57 40.67 -12.86
CA PHE A 419 -9.45 41.71 -13.49
C PHE A 419 -8.87 42.18 -14.82
N HIS A 420 -7.54 42.07 -15.00
CA HIS A 420 -6.85 42.40 -16.28
C HIS A 420 -6.72 41.14 -17.16
N ARG A 421 -7.52 40.11 -16.89
CA ARG A 421 -7.53 38.85 -17.68
C ARG A 421 -8.86 38.71 -18.44
N GLU A 422 -8.75 38.36 -19.72
CA GLU A 422 -9.91 38.22 -20.63
C GLU A 422 -10.66 36.97 -20.20
N VAL A 423 -11.98 36.96 -20.41
CA VAL A 423 -12.89 35.82 -20.14
C VAL A 423 -12.36 34.62 -20.94
N ASN A 424 -12.13 33.50 -20.26
CA ASN A 424 -11.78 32.20 -20.87
C ASN A 424 -10.28 32.16 -21.23
N ASP A 425 -9.56 33.28 -21.20
CA ASP A 425 -8.09 33.26 -21.00
C ASP A 425 -7.88 32.76 -19.57
N LEU A 426 -7.54 31.48 -19.39
CA LEU A 426 -7.43 30.84 -18.05
C LEU A 426 -6.06 31.13 -17.45
N GLY A 427 -5.07 31.46 -18.29
CA GLY A 427 -3.73 31.91 -17.87
C GLY A 427 -2.67 30.83 -18.04
N PRO A 428 -1.54 30.91 -17.30
CA PRO A 428 -0.40 30.03 -17.52
C PRO A 428 -0.60 28.65 -16.85
N ILE A 429 -1.56 27.87 -17.39
CA ILE A 429 -1.96 26.57 -16.82
C ILE A 429 -1.18 25.49 -17.55
N TYR A 430 -1.67 24.26 -17.51
CA TYR A 430 -0.93 23.04 -17.93
C TYR A 430 -0.23 23.28 -19.27
N GLY A 431 -0.97 23.61 -20.31
CA GLY A 431 -0.43 23.75 -21.66
C GLY A 431 0.79 24.66 -21.65
N PHE A 432 0.66 25.84 -21.04
CA PHE A 432 1.72 26.87 -21.02
C PHE A 432 2.98 26.29 -20.37
N GLN A 433 2.89 25.75 -19.15
CA GLN A 433 4.01 25.22 -18.33
C GLN A 433 4.74 24.09 -19.07
N TRP A 434 3.99 23.15 -19.65
CA TRP A 434 4.59 22.00 -20.38
C TRP A 434 5.43 22.48 -21.57
N ARG A 435 4.98 23.53 -22.25
CA ARG A 435 5.62 24.00 -23.51
C ARG A 435 6.59 25.19 -23.23
N HIS A 436 6.43 25.97 -22.16
CA HIS A 436 7.11 27.29 -22.03
C HIS A 436 7.34 27.70 -20.57
N PHE A 437 7.64 26.75 -19.67
CA PHE A 437 7.81 26.99 -18.21
C PHE A 437 8.86 28.07 -18.02
N GLY A 438 8.53 29.10 -17.25
CA GLY A 438 9.46 30.19 -16.90
C GLY A 438 9.49 31.35 -17.87
N ALA A 439 8.76 31.26 -19.01
CA ALA A 439 8.42 32.41 -19.88
C ALA A 439 7.50 33.32 -19.07
N GLU A 440 7.37 34.58 -19.44
CA GLU A 440 6.46 35.48 -18.72
C GLU A 440 5.12 35.45 -19.44
N TYR A 441 4.07 34.85 -18.84
CA TYR A 441 2.72 34.77 -19.46
C TYR A 441 2.29 36.18 -19.87
N THR A 442 1.79 36.36 -21.09
CA THR A 442 1.19 37.61 -21.61
C THR A 442 -0.31 37.36 -21.82
N ASN A 443 -0.69 36.52 -22.78
CA ASN A 443 -2.12 36.19 -23.06
C ASN A 443 -2.21 34.87 -23.86
N MET A 444 -3.44 34.34 -23.97
CA MET A 444 -3.77 33.05 -24.65
C MET A 444 -3.53 33.11 -26.15
N TYR A 445 -3.28 34.30 -26.70
CA TYR A 445 -3.06 34.54 -28.15
C TYR A 445 -1.57 34.74 -28.43
N ASP A 446 -0.77 35.03 -27.42
CA ASP A 446 0.70 35.12 -27.61
C ASP A 446 1.14 33.72 -28.03
N ASN A 447 1.71 33.57 -29.22
CA ASN A 447 2.59 32.41 -29.52
C ASN A 447 3.92 32.74 -28.84
N TYR A 448 4.37 31.87 -27.94
CA TYR A 448 5.52 32.09 -27.03
C TYR A 448 6.75 31.43 -27.64
N GLU A 449 7.05 31.73 -28.90
CA GLU A 449 8.03 30.94 -29.70
C GLU A 449 9.39 30.98 -28.97
N ASN A 450 9.97 29.79 -28.78
CA ASN A 450 11.31 29.53 -28.16
C ASN A 450 11.48 30.36 -26.90
N LYS A 451 10.44 30.37 -26.06
CA LYS A 451 10.31 31.16 -24.81
C LYS A 451 9.97 30.21 -23.64
N GLY A 452 10.79 30.23 -22.60
CA GLY A 452 10.69 29.27 -21.48
C GLY A 452 11.07 27.86 -21.90
N VAL A 453 11.03 26.93 -20.93
CA VAL A 453 11.48 25.52 -21.07
C VAL A 453 10.34 24.72 -21.69
N ASP A 454 10.60 24.03 -22.79
CA ASP A 454 9.71 23.00 -23.40
C ASP A 454 10.00 21.69 -22.66
N GLN A 455 9.34 21.51 -21.50
CA GLN A 455 9.46 20.31 -20.65
C GLN A 455 9.06 19.04 -21.42
N LEU A 456 7.87 19.02 -22.00
CA LEU A 456 7.35 17.85 -22.74
C LEU A 456 8.42 17.35 -23.73
N LYS A 457 9.01 18.27 -24.52
CA LYS A 457 10.03 17.91 -25.53
C LYS A 457 11.23 17.33 -24.80
N ASN A 458 11.61 17.96 -23.68
CA ASN A 458 12.68 17.48 -22.76
C ASN A 458 12.41 16.06 -22.24
N ILE A 459 11.18 15.74 -21.81
CA ILE A 459 10.93 14.38 -21.19
C ILE A 459 10.97 13.34 -22.30
N ILE A 460 10.51 13.70 -23.49
CA ILE A 460 10.53 12.79 -24.67
C ILE A 460 12.00 12.54 -25.14
N ASN A 461 12.91 13.49 -24.95
CA ASN A 461 14.33 13.33 -25.38
C ASN A 461 15.06 12.58 -24.26
N LEU A 462 14.59 12.69 -23.02
CA LEU A 462 15.26 12.05 -21.88
C LEU A 462 14.97 10.54 -21.93
N ILE A 463 13.77 10.15 -22.36
CA ILE A 463 13.29 8.75 -22.34
C ILE A 463 13.98 8.01 -23.50
N LYS A 464 14.07 8.64 -24.66
CA LYS A 464 14.77 8.07 -25.83
C LYS A 464 16.22 7.88 -25.45
N ASN A 465 16.94 8.96 -25.19
CA ASN A 465 18.42 8.98 -25.12
C ASN A 465 18.93 8.65 -23.71
N ASP A 466 18.11 8.83 -22.65
CA ASP A 466 18.58 8.79 -21.23
C ASP A 466 17.59 8.02 -20.33
N PRO A 467 17.06 6.84 -20.75
CA PRO A 467 16.09 6.12 -19.94
C PRO A 467 16.44 5.82 -18.47
N THR A 468 17.73 5.64 -18.10
CA THR A 468 18.17 5.31 -16.70
C THR A 468 18.07 6.52 -15.78
N SER A 469 17.81 7.70 -16.34
CA SER A 469 17.71 8.99 -15.59
C SER A 469 16.52 8.89 -14.62
N ARG A 470 16.70 9.50 -13.45
CA ARG A 470 15.73 9.59 -12.34
C ARG A 470 15.33 11.05 -12.20
N ARG A 471 15.38 11.76 -13.33
CA ARG A 471 15.18 13.22 -13.48
C ARG A 471 14.23 13.48 -14.64
N ILE A 472 13.62 12.43 -15.20
CA ILE A 472 12.62 12.54 -16.28
C ILE A 472 11.30 12.92 -15.62
N LEU A 473 11.14 14.22 -15.35
CA LEU A 473 9.92 14.81 -14.72
C LEU A 473 9.31 15.84 -15.67
N LEU A 474 8.01 16.06 -15.49
CA LEU A 474 7.18 17.10 -16.14
C LEU A 474 6.35 17.75 -15.03
N CYS A 475 6.50 19.05 -14.74
CA CYS A 475 5.91 19.76 -13.57
C CYS A 475 5.03 20.93 -14.07
N ALA A 476 3.77 20.95 -13.61
CA ALA A 476 2.69 21.91 -13.95
C ALA A 476 2.55 22.97 -12.85
N TRP A 477 3.24 22.78 -11.72
CA TRP A 477 3.16 23.64 -10.51
C TRP A 477 4.39 24.56 -10.53
N ASN A 478 4.20 25.76 -11.09
CA ASN A 478 5.18 26.88 -11.25
C ASN A 478 4.80 27.91 -10.17
N VAL A 479 5.53 27.89 -9.06
CA VAL A 479 5.24 28.69 -7.83
C VAL A 479 5.00 30.13 -8.31
N LYS A 480 5.89 30.65 -9.14
CA LYS A 480 5.85 32.03 -9.70
C LYS A 480 4.51 32.32 -10.38
N ASP A 481 3.86 31.36 -11.01
CA ASP A 481 2.67 31.65 -11.87
C ASP A 481 1.34 31.32 -11.14
N LEU A 482 1.40 30.68 -9.98
CA LEU A 482 0.20 30.13 -9.31
C LEU A 482 -0.92 31.18 -9.37
N ASP A 483 -0.68 32.40 -8.88
CA ASP A 483 -1.70 33.47 -8.81
C ASP A 483 -2.17 33.92 -10.21
N GLN A 484 -1.34 33.82 -11.24
CA GLN A 484 -1.75 34.19 -12.63
C GLN A 484 -2.69 33.11 -13.22
N MET A 485 -2.68 31.88 -12.68
CA MET A 485 -3.50 30.75 -13.20
C MET A 485 -4.96 30.91 -12.74
N ALA A 486 -5.94 30.48 -13.54
CA ALA A 486 -7.37 30.49 -13.14
C ALA A 486 -7.51 29.71 -11.83
N LEU A 487 -7.02 28.48 -11.80
CA LEU A 487 -6.76 27.86 -10.48
C LEU A 487 -5.43 27.12 -10.51
N PRO A 488 -4.77 26.91 -9.36
CA PRO A 488 -3.54 26.13 -9.31
C PRO A 488 -3.78 24.72 -9.86
N PRO A 489 -2.76 24.09 -10.47
CA PRO A 489 -2.89 22.71 -10.93
C PRO A 489 -3.13 21.70 -9.80
N CYS A 490 -3.99 20.72 -10.07
CA CYS A 490 -4.28 19.54 -9.22
C CYS A 490 -3.28 18.42 -9.52
N HIS A 491 -2.80 18.33 -10.75
CA HIS A 491 -1.81 17.32 -11.20
C HIS A 491 -0.42 17.95 -11.19
N ILE A 492 0.23 17.94 -10.03
CA ILE A 492 1.48 18.70 -9.77
C ILE A 492 2.55 18.31 -10.78
N LEU A 493 2.74 17.01 -11.03
CA LEU A 493 3.85 16.46 -11.86
C LEU A 493 3.56 15.03 -12.31
N CYS A 494 4.25 14.59 -13.37
CA CYS A 494 4.44 13.22 -13.85
C CYS A 494 5.94 12.92 -13.73
N GLN A 495 6.32 11.74 -13.25
CA GLN A 495 7.71 11.22 -13.42
C GLN A 495 7.69 9.91 -14.20
N PHE A 496 8.44 9.78 -15.29
CA PHE A 496 8.49 8.53 -16.09
C PHE A 496 9.62 7.65 -15.57
N TYR A 497 9.60 6.39 -15.92
CA TYR A 497 10.51 5.32 -15.45
C TYR A 497 10.60 4.29 -16.58
N VAL A 498 11.80 3.79 -16.87
CA VAL A 498 11.98 3.01 -18.11
C VAL A 498 12.85 1.80 -17.80
N PHE A 499 12.20 0.64 -17.60
CA PHE A 499 12.90 -0.67 -17.53
C PHE A 499 12.57 -1.48 -18.77
N ASP A 500 13.60 -2.09 -19.37
CA ASP A 500 13.42 -3.10 -20.44
C ASP A 500 12.42 -2.55 -21.48
N GLY A 501 12.67 -1.35 -22.01
CA GLY A 501 11.84 -0.73 -23.05
C GLY A 501 10.36 -0.82 -22.70
N LYS A 502 10.03 -0.64 -21.43
CA LYS A 502 8.64 -0.44 -20.93
C LYS A 502 8.64 0.85 -20.08
N LEU A 503 7.58 1.66 -20.16
CA LEU A 503 7.57 3.04 -19.59
C LEU A 503 6.50 3.16 -18.51
N SER A 504 6.89 3.12 -17.23
CA SER A 504 5.94 3.39 -16.14
C SER A 504 5.85 4.90 -15.91
N CYS A 505 4.74 5.39 -15.37
CA CYS A 505 4.45 6.84 -15.15
C CYS A 505 3.86 7.03 -13.75
N ILE A 506 4.40 7.96 -12.96
CA ILE A 506 3.81 8.40 -11.66
C ILE A 506 3.29 9.83 -11.81
N MET A 507 2.07 10.06 -11.32
CA MET A 507 1.39 11.39 -11.23
C MET A 507 1.01 11.68 -9.78
N TYR A 508 1.46 12.83 -9.23
CA TYR A 508 1.09 13.35 -7.87
C TYR A 508 -0.07 14.33 -7.99
N GLN A 509 -1.19 14.04 -7.35
CA GLN A 509 -2.38 14.93 -7.34
C GLN A 509 -2.55 15.52 -5.93
N ARG A 510 -2.42 16.84 -5.83
CA ARG A 510 -2.43 17.57 -4.54
C ARG A 510 -3.85 17.51 -3.99
N SER A 511 -4.86 17.65 -4.83
CA SER A 511 -6.27 17.58 -4.39
C SER A 511 -7.12 16.68 -5.33
N CYS A 512 -7.94 15.82 -4.72
CA CYS A 512 -8.54 14.61 -5.31
C CYS A 512 -10.02 14.56 -4.92
N ASP A 513 -10.90 14.86 -5.87
CA ASP A 513 -12.36 14.61 -5.79
C ASP A 513 -12.63 13.16 -6.22
N LEU A 514 -12.80 12.30 -5.24
CA LEU A 514 -12.87 10.84 -5.46
C LEU A 514 -14.16 10.51 -6.24
N GLY A 515 -15.24 11.26 -6.02
CA GLY A 515 -16.58 10.98 -6.59
C GLY A 515 -16.69 11.40 -8.05
N LEU A 516 -16.21 12.59 -8.39
CA LEU A 516 -16.33 13.17 -9.76
C LEU A 516 -15.02 13.12 -10.55
N GLY A 517 -13.92 13.55 -9.93
CA GLY A 517 -12.67 13.97 -10.62
C GLY A 517 -11.76 12.80 -10.94
N VAL A 518 -11.36 12.04 -9.90
CA VAL A 518 -10.30 10.98 -9.91
C VAL A 518 -10.58 9.98 -11.03
N PRO A 519 -11.85 9.58 -11.29
CA PRO A 519 -12.16 8.66 -12.39
C PRO A 519 -11.55 9.18 -13.70
N PHE A 520 -11.92 10.39 -14.13
CA PHE A 520 -11.41 11.02 -15.39
C PHE A 520 -9.87 11.08 -15.33
N ASN A 521 -9.31 11.56 -14.20
CA ASN A 521 -7.86 11.83 -13.99
C ASN A 521 -7.05 10.52 -14.16
N ILE A 522 -7.55 9.41 -13.58
CA ILE A 522 -7.07 8.03 -13.92
C ILE A 522 -7.02 7.86 -15.46
N ALA A 523 -8.12 8.02 -16.19
CA ALA A 523 -8.13 7.81 -17.66
C ALA A 523 -7.24 8.85 -18.36
N SER A 524 -7.17 10.06 -17.81
CA SER A 524 -6.47 11.17 -18.49
C SER A 524 -4.97 10.84 -18.59
N TYR A 525 -4.34 10.48 -17.46
CA TYR A 525 -2.87 10.30 -17.40
C TYR A 525 -2.52 8.90 -17.91
N SER A 526 -3.40 7.89 -17.74
CA SER A 526 -3.24 6.56 -18.43
C SER A 526 -3.16 6.84 -19.93
N ILE A 527 -4.07 7.67 -20.46
CA ILE A 527 -4.10 8.02 -21.90
C ILE A 527 -2.78 8.70 -22.25
N PHE A 528 -2.25 9.61 -21.42
CA PHE A 528 -1.00 10.35 -21.75
C PHE A 528 0.21 9.39 -21.80
N THR A 529 0.31 8.49 -20.83
CA THR A 529 1.39 7.48 -20.70
C THR A 529 1.49 6.65 -21.97
N HIS A 530 0.36 6.19 -22.50
CA HIS A 530 0.26 5.50 -23.82
C HIS A 530 0.87 6.38 -24.92
N MET A 531 0.47 7.66 -24.98
CA MET A 531 0.94 8.63 -26.00
C MET A 531 2.44 8.79 -25.98
N ILE A 532 3.03 9.06 -24.81
CA ILE A 532 4.51 9.15 -24.66
C ILE A 532 5.11 7.82 -25.12
N ALA A 533 4.65 6.73 -24.51
CA ALA A 533 5.22 5.37 -24.70
C ALA A 533 5.35 5.07 -26.20
N GLN A 534 4.34 5.43 -27.00
CA GLN A 534 4.33 5.27 -28.48
C GLN A 534 5.40 6.13 -29.17
N VAL A 535 5.55 7.42 -28.83
CA VAL A 535 6.46 8.37 -29.55
C VAL A 535 7.91 8.13 -29.11
N CYS A 536 8.13 7.34 -28.06
CA CYS A 536 9.49 6.98 -27.57
C CYS A 536 9.79 5.51 -27.90
N ASN A 537 8.85 4.84 -28.60
CA ASN A 537 9.02 3.48 -29.20
C ASN A 537 9.24 2.48 -28.05
N LEU A 538 8.31 2.48 -27.09
CA LEU A 538 8.32 1.70 -25.83
C LEU A 538 6.92 1.13 -25.61
N GLN A 539 6.77 0.12 -24.74
CA GLN A 539 5.41 -0.38 -24.41
C GLN A 539 5.04 0.28 -23.09
N PRO A 540 3.75 0.57 -22.88
CA PRO A 540 3.28 1.09 -21.61
C PRO A 540 3.26 -0.01 -20.53
N ALA A 541 3.76 0.32 -19.35
CA ALA A 541 3.67 -0.55 -18.16
C ALA A 541 2.71 0.10 -17.15
N GLN A 542 3.20 0.62 -16.03
CA GLN A 542 2.30 1.03 -14.95
C GLN A 542 2.00 2.53 -15.04
N PHE A 543 0.72 2.89 -14.92
CA PHE A 543 0.28 4.22 -14.44
C PHE A 543 0.08 4.16 -12.91
N ILE A 544 0.99 4.81 -12.16
CA ILE A 544 0.97 4.94 -10.68
C ILE A 544 0.39 6.32 -10.32
N HIS A 545 -0.65 6.35 -9.51
CA HIS A 545 -1.42 7.56 -9.11
C HIS A 545 -1.21 7.75 -7.60
N VAL A 546 -0.54 8.84 -7.23
CA VAL A 546 -0.36 9.23 -5.82
C VAL A 546 -1.43 10.30 -5.53
N LEU A 547 -2.27 10.04 -4.53
CA LEU A 547 -3.25 11.00 -3.98
C LEU A 547 -2.65 11.62 -2.71
N GLY A 548 -2.78 12.94 -2.57
CA GLY A 548 -2.52 13.64 -1.31
C GLY A 548 -3.79 13.93 -0.57
N ASN A 549 -4.39 15.09 -0.81
CA ASN A 549 -5.68 15.44 -0.16
C ASN A 549 -6.79 14.66 -0.88
N ALA A 550 -7.21 13.53 -0.29
CA ALA A 550 -8.20 12.58 -0.85
C ALA A 550 -9.52 12.81 -0.13
N HIS A 551 -10.52 13.35 -0.84
CA HIS A 551 -11.82 13.78 -0.26
C HIS A 551 -13.02 13.34 -1.11
N VAL A 552 -14.00 12.76 -0.44
CA VAL A 552 -15.35 12.49 -1.00
C VAL A 552 -16.28 13.62 -0.55
N TYR A 553 -17.02 14.25 -1.47
CA TYR A 553 -17.99 15.34 -1.16
C TYR A 553 -19.25 14.74 -0.50
N ASN A 554 -19.81 15.42 0.51
CA ASN A 554 -20.95 14.92 1.34
C ASN A 554 -22.19 14.68 0.47
N ASN A 555 -22.25 15.30 -0.72
CA ASN A 555 -23.34 15.16 -1.72
C ASN A 555 -23.12 13.91 -2.60
N HIS A 556 -21.88 13.42 -2.68
CA HIS A 556 -21.50 12.24 -3.50
C HIS A 556 -21.74 10.94 -2.74
N ILE A 557 -21.99 11.00 -1.43
CA ILE A 557 -22.09 9.80 -0.54
C ILE A 557 -23.10 8.82 -1.14
N ASP A 558 -24.40 9.13 -1.16
CA ASP A 558 -25.47 8.18 -1.60
C ASP A 558 -25.07 7.49 -2.90
N SER A 559 -24.70 8.26 -3.92
CA SER A 559 -24.32 7.79 -5.29
C SER A 559 -23.12 6.82 -5.21
N LEU A 560 -22.11 7.13 -4.40
CA LEU A 560 -20.88 6.31 -4.25
C LEU A 560 -21.26 5.00 -3.56
N LYS A 561 -22.22 5.06 -2.64
CA LYS A 561 -22.76 3.85 -1.96
C LYS A 561 -23.32 2.92 -3.03
N ILE A 562 -24.25 3.43 -3.84
CA ILE A 562 -24.83 2.70 -5.00
C ILE A 562 -23.68 2.07 -5.83
N GLN A 563 -22.67 2.86 -6.22
CA GLN A 563 -21.52 2.44 -7.06
C GLN A 563 -20.74 1.32 -6.36
N LEU A 564 -20.57 1.37 -5.03
CA LEU A 564 -19.77 0.34 -4.31
C LEU A 564 -20.42 -1.04 -4.40
N ASN A 565 -21.74 -1.15 -4.57
CA ASN A 565 -22.46 -2.44 -4.64
C ASN A 565 -22.61 -2.91 -6.10
N ARG A 566 -21.99 -2.20 -7.04
CA ARG A 566 -21.83 -2.71 -8.42
C ARG A 566 -20.49 -3.45 -8.48
N ILE A 567 -20.53 -4.65 -9.06
CA ILE A 567 -19.32 -5.49 -9.30
C ILE A 567 -18.72 -5.05 -10.63
N PRO A 568 -17.44 -4.65 -10.63
CA PRO A 568 -16.74 -4.30 -11.85
C PRO A 568 -16.83 -5.37 -12.95
N TYR A 569 -16.96 -4.92 -14.21
CA TYR A 569 -16.78 -5.66 -15.48
C TYR A 569 -15.33 -5.53 -15.93
N PRO A 570 -14.79 -6.48 -16.73
CA PRO A 570 -13.41 -6.39 -17.15
C PRO A 570 -13.18 -5.04 -17.84
N PHE A 571 -12.04 -4.40 -17.54
CA PHE A 571 -11.61 -3.15 -18.19
C PHE A 571 -11.64 -3.31 -19.71
N PRO A 572 -11.97 -2.23 -20.44
CA PRO A 572 -11.76 -2.17 -21.87
C PRO A 572 -10.28 -2.00 -22.22
N THR A 573 -9.98 -1.88 -23.52
CA THR A 573 -8.60 -1.66 -24.08
C THR A 573 -8.51 -0.27 -24.74
N LEU A 574 -7.34 0.36 -24.78
CA LEU A 574 -7.15 1.62 -25.53
C LEU A 574 -6.17 1.35 -26.67
N LYS A 575 -6.59 1.62 -27.91
CA LYS A 575 -5.74 1.55 -29.12
C LYS A 575 -5.52 2.97 -29.66
N LEU A 576 -4.27 3.42 -29.70
CA LEU A 576 -3.85 4.66 -30.42
C LEU A 576 -3.58 4.24 -31.86
N ASN A 577 -3.68 5.20 -32.78
CA ASN A 577 -3.28 5.01 -34.19
C ASN A 577 -1.76 4.97 -34.23
N PRO A 578 -1.14 3.87 -34.72
CA PRO A 578 0.29 3.66 -34.55
C PRO A 578 1.15 4.47 -35.51
N ASP A 579 0.58 5.17 -36.49
CA ASP A 579 1.42 5.97 -37.43
C ASP A 579 1.97 7.20 -36.72
N ILE A 580 1.34 7.62 -35.62
CA ILE A 580 1.77 8.85 -34.88
C ILE A 580 3.11 8.54 -34.22
N LYS A 581 4.14 9.33 -34.55
CA LYS A 581 5.54 9.18 -34.07
C LYS A 581 6.05 10.49 -33.46
N ASN A 582 5.21 11.53 -33.42
CA ASN A 582 5.45 12.85 -32.77
C ASN A 582 4.37 13.10 -31.70
N ILE A 583 4.74 13.67 -30.55
CA ILE A 583 3.72 13.94 -29.49
C ILE A 583 2.74 15.01 -29.97
N GLU A 584 3.16 15.86 -30.91
CA GLU A 584 2.37 17.01 -31.43
C GLU A 584 1.24 16.51 -32.35
N ASP A 585 1.32 15.28 -32.89
CA ASP A 585 0.63 14.90 -34.17
C ASP A 585 -0.59 14.01 -33.90
N PHE A 586 -1.00 13.85 -32.63
CA PHE A 586 -2.16 13.03 -32.23
C PHE A 586 -3.41 13.88 -32.45
N THR A 587 -4.47 13.29 -33.00
CA THR A 587 -5.77 13.94 -33.26
C THR A 587 -6.89 13.03 -32.76
N ILE A 588 -8.01 13.62 -32.35
CA ILE A 588 -9.14 12.96 -31.62
C ILE A 588 -9.49 11.60 -32.24
N SER A 589 -9.32 11.44 -33.55
CA SER A 589 -9.68 10.21 -34.31
C SER A 589 -8.63 9.12 -34.08
N ASP A 590 -7.43 9.50 -33.62
CA ASP A 590 -6.32 8.54 -33.40
C ASP A 590 -6.52 7.77 -32.08
N PHE A 591 -7.69 7.86 -31.41
CA PHE A 591 -7.99 7.25 -30.08
C PHE A 591 -9.28 6.42 -30.07
N THR A 592 -9.15 5.12 -29.77
CA THR A 592 -10.23 4.10 -29.78
C THR A 592 -10.27 3.37 -28.43
N ILE A 593 -11.36 3.56 -27.66
CA ILE A 593 -11.71 2.75 -26.45
C ILE A 593 -12.62 1.62 -26.91
N GLN A 594 -12.04 0.42 -27.10
CA GLN A 594 -12.75 -0.84 -27.49
C GLN A 594 -13.15 -1.65 -26.24
N ASN A 595 -14.41 -2.10 -26.25
CA ASN A 595 -15.01 -3.15 -25.38
C ASN A 595 -15.33 -2.58 -24.00
N TYR A 596 -15.62 -1.28 -23.92
CA TYR A 596 -16.11 -0.62 -22.69
C TYR A 596 -17.47 -1.20 -22.34
N VAL A 597 -17.45 -2.12 -21.38
CA VAL A 597 -18.65 -2.74 -20.77
C VAL A 597 -18.76 -2.06 -19.41
N HIS A 598 -19.96 -1.63 -19.00
CA HIS A 598 -20.10 -0.76 -17.80
C HIS A 598 -21.52 -0.74 -17.24
N HIS A 599 -21.66 -0.41 -15.96
CA HIS A 599 -22.96 -0.13 -15.27
C HIS A 599 -23.48 1.21 -15.77
N GLU A 600 -24.70 1.60 -15.40
CA GLU A 600 -25.34 2.80 -16.00
C GLU A 600 -24.78 4.08 -15.35
N LYS A 601 -24.84 5.22 -16.05
CA LYS A 601 -24.24 6.48 -15.53
C LYS A 601 -24.93 6.83 -14.23
N ILE A 602 -24.14 7.31 -13.28
CA ILE A 602 -24.62 7.84 -11.98
C ILE A 602 -24.25 9.31 -11.94
N SER A 603 -25.28 10.17 -11.79
CA SER A 603 -25.16 11.55 -11.26
C SER A 603 -24.80 11.45 -9.77
N MET A 604 -23.68 12.08 -9.38
CA MET A 604 -23.14 12.04 -8.00
C MET A 604 -24.00 12.86 -7.03
N ASP A 605 -24.88 13.73 -7.52
CA ASP A 605 -25.96 14.42 -6.74
C ASP A 605 -27.26 13.57 -6.79
N PHE B 9 0.55 -28.36 28.56
CA PHE B 9 0.66 -27.40 29.70
C PHE B 9 -0.11 -26.13 29.31
N ASP B 10 0.57 -25.20 28.59
CA ASP B 10 0.12 -23.84 28.14
C ASP B 10 0.59 -22.77 29.17
N ILE B 11 1.88 -22.79 29.54
CA ILE B 11 2.57 -21.82 30.44
C ILE B 11 3.19 -20.70 29.59
N TYR B 12 3.01 -19.44 30.02
CA TYR B 12 3.59 -18.22 29.40
C TYR B 12 4.08 -17.29 30.50
N ALA B 13 5.11 -16.48 30.22
CA ALA B 13 5.50 -15.30 31.04
C ALA B 13 4.94 -14.02 30.39
N ILE B 14 5.09 -12.88 31.07
CA ILE B 14 4.71 -11.51 30.60
C ILE B 14 5.36 -10.49 31.54
N CYS B 15 6.46 -9.88 31.10
CA CYS B 15 7.21 -8.81 31.84
C CYS B 15 7.03 -7.45 31.16
N ALA B 16 7.36 -6.39 31.89
CA ALA B 16 7.57 -5.02 31.39
C ALA B 16 8.92 -4.54 31.91
N CYS B 17 9.83 -4.12 31.03
CA CYS B 17 11.24 -3.81 31.38
C CYS B 17 11.70 -2.51 30.74
N CYS B 18 12.14 -1.59 31.60
CA CYS B 18 12.81 -0.30 31.29
C CYS B 18 14.32 -0.49 31.31
N LYS B 19 15.10 0.55 30.97
CA LYS B 19 16.58 0.55 30.95
C LYS B 19 17.13 1.08 32.28
N VAL B 20 18.38 0.74 32.59
CA VAL B 20 18.93 0.88 33.97
C VAL B 20 19.85 2.11 34.05
N GLU B 21 19.70 2.89 35.12
CA GLU B 21 20.61 4.01 35.52
C GLU B 21 21.90 3.44 36.11
N SER B 22 23.03 4.14 35.94
CA SER B 22 24.37 3.70 36.41
C SER B 22 24.65 4.22 37.84
N ASN B 29 30.10 6.46 24.10
CA ASN B 29 29.89 5.09 23.55
C ASN B 29 29.10 4.24 24.55
N GLU B 30 27.96 3.68 24.12
CA GLU B 30 27.24 2.56 24.79
C GLU B 30 26.75 1.56 23.73
N VAL B 31 27.09 0.29 23.92
CA VAL B 31 26.63 -0.87 23.10
C VAL B 31 25.26 -1.29 23.66
N PHE B 32 24.20 -1.13 22.86
CA PHE B 32 22.83 -1.62 23.14
C PHE B 32 22.70 -3.04 22.62
N ASN B 33 21.75 -3.78 23.19
CA ASN B 33 21.47 -5.20 22.88
C ASN B 33 20.07 -5.48 23.49
N ASN B 34 19.55 -6.70 23.34
CA ASN B 34 18.21 -7.08 23.88
C ASN B 34 18.15 -6.84 25.40
N TYR B 35 19.29 -7.12 26.09
CA TYR B 35 19.45 -7.12 27.57
C TYR B 35 19.29 -5.69 28.13
N THR B 36 19.58 -4.66 27.33
CA THR B 36 19.42 -3.25 27.69
C THR B 36 18.16 -3.07 28.54
N PHE B 37 17.07 -3.73 28.18
CA PHE B 37 15.72 -3.61 28.80
C PHE B 37 15.54 -4.71 29.84
N ARG B 38 15.90 -4.44 31.10
CA ARG B 38 15.87 -5.42 32.22
C ARG B 38 15.12 -4.88 33.46
N GLY B 39 15.23 -3.58 33.76
CA GLY B 39 14.78 -2.99 35.04
C GLY B 39 13.31 -3.20 35.30
N LEU B 40 12.96 -3.91 36.38
CA LEU B 40 11.62 -4.53 36.63
C LEU B 40 10.91 -3.87 37.82
N GLY B 41 11.66 -3.47 38.86
CA GLY B 41 11.14 -2.91 40.12
C GLY B 41 12.12 -1.96 40.80
N ASN B 42 11.61 -0.97 41.52
CA ASN B 42 12.42 -0.04 42.35
C ASN B 42 11.69 0.24 43.67
N LYS B 43 12.21 -0.35 44.76
CA LYS B 43 11.70 -0.26 46.17
C LYS B 43 10.28 -0.84 46.24
N GLY B 44 10.14 -2.12 45.90
CA GLY B 44 8.88 -2.89 46.00
C GLY B 44 7.75 -2.28 45.16
N VAL B 45 8.07 -1.42 44.18
CA VAL B 45 7.11 -0.88 43.17
C VAL B 45 7.83 -0.87 41.81
N LEU B 46 7.15 -0.41 40.77
CA LEU B 46 7.74 -0.26 39.40
C LEU B 46 8.73 0.90 39.41
N PRO B 47 9.75 0.93 38.51
CA PRO B 47 10.59 2.12 38.35
C PRO B 47 9.83 3.36 37.83
N TRP B 48 8.98 3.18 36.81
CA TRP B 48 8.00 4.18 36.31
C TRP B 48 6.76 4.10 37.23
N LYS B 49 6.13 5.23 37.53
CA LYS B 49 5.09 5.33 38.58
C LYS B 49 3.78 4.73 38.04
N CYS B 50 3.56 4.81 36.73
CA CYS B 50 2.39 4.24 36.03
C CYS B 50 2.69 4.20 34.53
N ASN B 51 2.16 3.19 33.82
CA ASN B 51 2.08 3.14 32.33
C ASN B 51 0.71 2.60 31.92
N SER B 52 -0.17 3.47 31.41
CA SER B 52 -1.58 3.18 31.02
C SER B 52 -1.64 2.11 29.94
N LEU B 53 -0.85 2.28 28.87
CA LEU B 53 -0.93 1.39 27.68
C LEU B 53 -0.33 0.04 28.06
N ASP B 54 0.80 -0.01 28.79
CA ASP B 54 1.38 -1.29 29.27
C ASP B 54 0.34 -2.00 30.15
N MET B 55 -0.31 -1.28 31.07
CA MET B 55 -1.29 -1.88 32.03
C MET B 55 -2.36 -2.58 31.19
N LYS B 56 -2.93 -1.82 30.25
CA LYS B 56 -4.08 -2.21 29.39
C LYS B 56 -3.71 -3.45 28.61
N TYR B 57 -2.50 -3.50 28.03
CA TYR B 57 -2.01 -4.62 27.19
C TYR B 57 -2.01 -5.86 28.08
N PHE B 58 -1.19 -5.85 29.13
CA PHE B 58 -1.12 -6.86 30.22
C PHE B 58 -2.53 -7.32 30.64
N CYS B 59 -3.47 -6.40 30.91
CA CYS B 59 -4.88 -6.72 31.28
C CYS B 59 -5.59 -7.46 30.13
N ALA B 60 -5.53 -6.98 28.88
CA ALA B 60 -6.21 -7.58 27.70
C ALA B 60 -5.65 -8.99 27.45
N VAL B 61 -4.31 -9.12 27.42
CA VAL B 61 -3.56 -10.41 27.32
C VAL B 61 -4.13 -11.40 28.34
N THR B 62 -4.00 -11.06 29.64
CA THR B 62 -4.15 -12.00 30.78
C THR B 62 -5.64 -12.28 31.07
N THR B 63 -6.58 -11.52 30.49
CA THR B 63 -8.04 -11.78 30.67
C THR B 63 -8.72 -11.96 29.32
N TYR B 64 -8.03 -12.58 28.36
CA TYR B 64 -8.61 -13.05 27.07
C TYR B 64 -8.66 -14.58 27.09
N VAL B 65 -9.74 -15.16 26.56
CA VAL B 65 -9.93 -16.62 26.33
C VAL B 65 -10.68 -16.84 25.01
N ASN B 66 -10.17 -17.74 24.16
CA ASN B 66 -10.86 -18.17 22.91
C ASN B 66 -11.84 -19.29 23.29
N GLU B 67 -13.04 -19.28 22.71
CA GLU B 67 -14.15 -20.24 23.02
C GLU B 67 -13.66 -21.68 22.79
N SER B 68 -13.51 -22.05 21.51
CA SER B 68 -12.99 -23.36 21.04
C SER B 68 -11.73 -23.74 21.83
N LYS B 69 -10.61 -23.07 21.49
CA LYS B 69 -9.21 -23.56 21.55
C LYS B 69 -8.89 -24.32 22.85
N TYR B 70 -9.79 -24.30 23.85
CA TYR B 70 -9.68 -25.17 25.06
C TYR B 70 -9.55 -26.64 24.64
N GLU B 71 -10.68 -27.26 24.25
CA GLU B 71 -10.85 -28.75 24.16
C GLU B 71 -9.51 -29.41 23.81
N LYS B 72 -8.76 -28.87 22.82
CA LYS B 72 -7.40 -29.37 22.43
C LYS B 72 -6.43 -29.23 23.62
N LYS B 97 -16.89 -18.99 34.05
CA LYS B 97 -16.49 -19.02 32.61
C LYS B 97 -15.14 -19.74 32.48
N LEU B 98 -14.64 -19.89 31.24
CA LEU B 98 -13.23 -20.28 30.98
C LEU B 98 -12.36 -19.03 31.23
N GLN B 99 -11.31 -19.16 32.06
CA GLN B 99 -10.41 -18.04 32.45
C GLN B 99 -8.94 -18.48 32.37
N ASN B 100 -8.01 -17.53 32.59
CA ASN B 100 -6.55 -17.75 32.59
C ASN B 100 -6.05 -17.77 34.04
N VAL B 101 -4.89 -18.37 34.27
CA VAL B 101 -4.15 -18.37 35.56
C VAL B 101 -3.15 -17.21 35.51
N VAL B 102 -2.86 -16.62 36.68
CA VAL B 102 -1.84 -15.54 36.82
C VAL B 102 -0.96 -15.87 38.03
N VAL B 103 0.15 -16.58 37.79
CA VAL B 103 1.14 -17.04 38.81
C VAL B 103 2.12 -15.89 39.11
N MET B 104 1.83 -15.11 40.14
CA MET B 104 2.76 -14.10 40.70
C MET B 104 3.42 -14.72 41.94
N GLY B 105 4.20 -13.94 42.69
CA GLY B 105 4.78 -14.32 43.99
C GLY B 105 4.56 -13.25 45.05
N ARG B 106 4.87 -13.58 46.31
CA ARG B 106 4.96 -12.65 47.48
C ARG B 106 5.80 -11.44 47.07
N THR B 107 6.95 -11.67 46.40
CA THR B 107 7.77 -10.63 45.70
C THR B 107 6.74 -9.63 45.19
N SER B 108 5.86 -10.08 44.29
CA SER B 108 4.89 -9.26 43.50
C SER B 108 3.57 -9.04 44.26
N TRP B 109 2.77 -10.10 44.43
CA TRP B 109 1.43 -10.08 45.09
C TRP B 109 1.33 -8.86 46.01
N GLU B 110 2.20 -8.82 47.02
CA GLU B 110 2.15 -7.84 48.13
C GLU B 110 2.17 -6.42 47.56
N SER B 111 3.04 -6.16 46.57
CA SER B 111 3.23 -4.84 45.89
C SER B 111 1.89 -4.29 45.39
N ILE B 112 1.01 -5.17 44.89
CA ILE B 112 -0.30 -4.80 44.27
C ILE B 112 -1.20 -4.18 45.34
N PRO B 113 -1.78 -2.98 45.09
CA PRO B 113 -2.86 -2.44 45.92
C PRO B 113 -4.06 -3.39 46.10
N LYS B 114 -4.99 -3.05 47.02
CA LYS B 114 -6.14 -3.92 47.43
C LYS B 114 -7.31 -3.78 46.41
N LYS B 115 -7.46 -2.59 45.81
CA LYS B 115 -8.50 -2.26 44.79
C LYS B 115 -8.47 -3.26 43.62
N PHE B 116 -7.29 -3.51 43.01
CA PHE B 116 -7.12 -4.42 41.84
C PHE B 116 -7.27 -5.88 42.32
N LYS B 117 -6.78 -6.18 43.53
CA LYS B 117 -6.71 -7.55 44.12
C LYS B 117 -8.09 -8.01 44.54
N PRO B 118 -8.44 -9.32 44.40
CA PRO B 118 -7.59 -10.30 43.73
C PRO B 118 -7.77 -10.18 42.21
N LEU B 119 -6.66 -10.09 41.48
CA LEU B 119 -6.62 -9.65 40.05
C LEU B 119 -7.96 -9.99 39.39
N SER B 120 -8.77 -8.98 39.07
CA SER B 120 -10.11 -9.10 38.45
C SER B 120 -10.10 -10.21 37.39
N ASN B 121 -11.02 -11.18 37.52
CA ASN B 121 -11.37 -12.16 36.45
C ASN B 121 -10.25 -13.17 36.22
N ARG B 122 -9.39 -13.42 37.21
CA ARG B 122 -8.19 -14.29 37.06
C ARG B 122 -8.07 -15.25 38.26
N ILE B 123 -7.45 -16.40 38.01
CA ILE B 123 -7.12 -17.42 39.05
C ILE B 123 -5.70 -17.13 39.57
N ASN B 124 -5.62 -16.42 40.71
CA ASN B 124 -4.36 -15.92 41.32
C ASN B 124 -3.61 -17.10 41.95
N VAL B 125 -2.28 -17.03 42.05
CA VAL B 125 -1.43 -18.07 42.70
C VAL B 125 -0.19 -17.36 43.25
N ILE B 126 0.40 -17.85 44.34
CA ILE B 126 1.43 -17.08 45.10
C ILE B 126 2.56 -18.00 45.60
N LEU B 127 3.72 -17.98 44.90
CA LEU B 127 4.94 -18.75 45.26
C LEU B 127 5.64 -18.10 46.46
N SER B 128 5.13 -18.39 47.66
CA SER B 128 5.70 -17.97 48.96
C SER B 128 6.02 -19.20 49.81
N ARG B 129 7.27 -19.34 50.24
CA ARG B 129 7.70 -20.30 51.30
C ARG B 129 7.19 -19.80 52.66
N THR B 130 7.11 -18.46 52.80
CA THR B 130 7.00 -17.72 54.09
C THR B 130 5.60 -17.91 54.71
N LEU B 131 4.52 -17.80 53.91
CA LEU B 131 3.11 -17.70 54.38
C LEU B 131 2.22 -18.73 53.67
N LYS B 132 1.32 -19.37 54.42
CA LYS B 132 0.27 -20.30 53.91
C LYS B 132 -1.06 -19.54 53.78
N LYS B 133 -2.11 -20.20 53.22
CA LYS B 133 -3.49 -19.69 53.00
C LYS B 133 -4.11 -19.08 54.27
N GLU B 134 -3.58 -19.46 55.46
CA GLU B 134 -3.98 -19.00 56.81
C GLU B 134 -3.55 -17.55 57.07
N ASP B 135 -2.57 -17.03 56.31
CA ASP B 135 -1.93 -15.70 56.51
C ASP B 135 -2.31 -14.73 55.38
N PHE B 136 -3.30 -15.07 54.53
CA PHE B 136 -3.82 -14.19 53.44
C PHE B 136 -5.36 -14.16 53.49
N ASP B 137 -5.92 -13.13 52.84
CA ASP B 137 -7.35 -12.75 52.93
C ASP B 137 -8.12 -13.33 51.74
N GLU B 138 -7.86 -12.82 50.52
CA GLU B 138 -8.71 -13.00 49.30
C GLU B 138 -8.82 -14.49 48.91
N ASP B 139 -9.60 -14.80 47.86
CA ASP B 139 -10.04 -16.18 47.47
C ASP B 139 -8.99 -16.85 46.56
N VAL B 140 -7.74 -16.88 47.02
CA VAL B 140 -6.52 -17.24 46.22
C VAL B 140 -6.20 -18.73 46.43
N TYR B 141 -5.22 -19.22 45.66
CA TYR B 141 -4.52 -20.52 45.83
C TYR B 141 -3.06 -20.18 46.15
N ILE B 142 -2.34 -21.04 46.86
CA ILE B 142 -0.90 -20.84 47.20
C ILE B 142 -0.09 -22.00 46.61
N ILE B 143 1.24 -21.88 46.59
CA ILE B 143 2.20 -22.97 46.28
C ILE B 143 3.51 -22.67 47.02
N ASN B 144 4.55 -23.50 46.89
CA ASN B 144 5.79 -23.42 47.71
C ASN B 144 7.03 -23.77 46.85
N LYS B 145 6.99 -24.93 46.18
CA LYS B 145 7.99 -25.39 45.17
C LYS B 145 7.49 -24.99 43.78
N VAL B 146 8.41 -24.91 42.81
CA VAL B 146 8.10 -24.64 41.37
C VAL B 146 7.20 -25.77 40.85
N GLU B 147 7.50 -27.00 41.25
CA GLU B 147 6.83 -28.25 40.78
C GLU B 147 5.40 -28.31 41.36
N ASP B 148 5.16 -27.62 42.50
CA ASP B 148 3.84 -27.57 43.17
C ASP B 148 2.88 -26.65 42.40
N LEU B 149 3.34 -25.99 41.33
CA LEU B 149 2.48 -25.37 40.29
C LEU B 149 1.99 -26.46 39.31
N ILE B 150 2.88 -27.37 38.89
CA ILE B 150 2.54 -28.53 38.01
C ILE B 150 1.42 -29.32 38.69
N VAL B 151 1.60 -29.62 39.98
CA VAL B 151 0.71 -30.45 40.87
C VAL B 151 -0.63 -29.72 41.06
N LEU B 152 -0.65 -28.38 40.98
CA LEU B 152 -1.88 -27.54 41.05
C LEU B 152 -2.53 -27.44 39.66
N LEU B 153 -1.73 -27.34 38.59
CA LEU B 153 -2.22 -27.06 37.20
C LEU B 153 -2.85 -28.32 36.60
N GLY B 154 -2.19 -29.49 36.75
CA GLY B 154 -2.72 -30.79 36.33
C GLY B 154 -4.08 -31.08 36.95
N LYS B 155 -4.47 -30.32 38.00
CA LYS B 155 -5.73 -30.49 38.79
C LYS B 155 -6.79 -29.43 38.46
N LEU B 156 -6.49 -28.49 37.54
CA LEU B 156 -7.29 -27.23 37.36
C LEU B 156 -7.90 -27.15 35.95
N ASN B 157 -8.99 -26.38 35.81
CA ASN B 157 -9.64 -25.99 34.53
C ASN B 157 -9.14 -24.59 34.13
N TYR B 158 -8.53 -24.43 32.95
CA TYR B 158 -8.04 -23.11 32.44
C TYR B 158 -8.00 -23.10 30.90
N TYR B 159 -7.58 -21.95 30.37
CA TYR B 159 -7.16 -21.73 28.95
C TYR B 159 -5.63 -21.65 28.93
N LYS B 160 -5.06 -20.54 29.43
CA LYS B 160 -3.59 -20.26 29.41
C LYS B 160 -3.11 -19.85 30.82
N CYS B 161 -1.84 -20.13 31.10
CA CYS B 161 -1.13 -19.92 32.39
C CYS B 161 -0.09 -18.80 32.20
N PHE B 162 -0.25 -17.65 32.87
CA PHE B 162 0.63 -16.45 32.74
C PHE B 162 1.46 -16.29 34.01
N ILE B 163 2.75 -15.91 33.87
CA ILE B 163 3.73 -15.68 34.99
C ILE B 163 3.98 -14.18 35.14
N ILE B 164 3.41 -13.56 36.18
CA ILE B 164 3.14 -12.09 36.26
C ILE B 164 4.38 -11.33 36.74
N GLY B 165 5.24 -11.93 37.58
CA GLY B 165 6.37 -11.19 38.17
C GLY B 165 7.01 -11.82 39.40
N GLY B 166 8.19 -11.28 39.73
CA GLY B 166 9.15 -11.76 40.74
C GLY B 166 10.55 -11.77 40.15
N SER B 167 11.47 -11.04 40.78
CA SER B 167 12.92 -10.99 40.43
C SER B 167 13.41 -12.41 40.20
N VAL B 168 13.07 -13.31 41.14
CA VAL B 168 13.48 -14.74 41.18
C VAL B 168 12.39 -15.62 40.53
N VAL B 169 11.12 -15.18 40.50
CA VAL B 169 9.92 -15.95 40.00
C VAL B 169 10.04 -16.17 38.49
N TYR B 170 10.66 -15.24 37.74
CA TYR B 170 11.08 -15.47 36.34
C TYR B 170 12.32 -16.37 36.33
N GLN B 171 13.35 -16.01 37.10
CA GLN B 171 14.67 -16.70 37.14
C GLN B 171 14.48 -18.22 37.08
N GLU B 172 14.06 -18.85 38.19
CA GLU B 172 14.10 -20.33 38.36
C GLU B 172 13.13 -21.00 37.38
N PHE B 173 12.16 -20.27 36.83
CA PHE B 173 11.23 -20.75 35.78
C PHE B 173 11.95 -20.94 34.44
N LEU B 174 12.96 -20.11 34.14
CA LEU B 174 13.78 -20.21 32.90
C LEU B 174 14.80 -21.33 33.07
N GLU B 175 15.57 -21.27 34.16
CA GLU B 175 16.51 -22.33 34.65
C GLU B 175 15.84 -23.70 34.58
N LYS B 176 14.57 -23.81 34.99
CA LYS B 176 13.71 -25.01 34.80
C LYS B 176 12.85 -24.80 33.54
N LYS B 177 13.48 -24.74 32.36
CA LYS B 177 12.78 -24.71 31.04
C LYS B 177 11.28 -24.98 31.27
N LEU B 178 10.49 -23.99 31.65
CA LEU B 178 9.02 -24.12 31.94
C LEU B 178 8.19 -23.13 31.10
N ILE B 179 8.83 -22.11 30.51
CA ILE B 179 8.20 -20.91 29.88
C ILE B 179 8.21 -21.07 28.37
N LYS B 180 7.04 -21.07 27.74
CA LYS B 180 6.91 -21.22 26.27
C LYS B 180 7.28 -19.86 25.64
N LYS B 181 6.31 -18.96 25.46
CA LYS B 181 6.53 -17.58 24.94
C LYS B 181 6.70 -16.63 26.12
N ILE B 182 7.41 -15.52 25.92
CA ILE B 182 7.46 -14.35 26.85
C ILE B 182 6.88 -13.13 26.15
N TYR B 183 5.74 -12.62 26.63
CA TYR B 183 5.09 -11.38 26.17
C TYR B 183 5.78 -10.20 26.88
N PHE B 184 6.69 -9.52 26.19
CA PHE B 184 7.70 -8.62 26.82
C PHE B 184 7.53 -7.19 26.30
N THR B 185 7.21 -6.25 27.22
CA THR B 185 7.08 -4.80 26.94
C THR B 185 8.42 -4.10 27.21
N ARG B 186 8.77 -3.15 26.35
CA ARG B 186 10.02 -2.35 26.48
C ARG B 186 9.61 -0.91 26.70
N ILE B 187 9.69 -0.43 27.94
CA ILE B 187 9.55 1.02 28.25
C ILE B 187 10.87 1.63 27.75
N ASN B 188 10.82 2.43 26.68
CA ASN B 188 12.03 3.03 26.07
C ASN B 188 12.33 4.36 26.77
N SER B 189 12.48 4.30 28.10
CA SER B 189 13.11 5.34 28.95
C SER B 189 13.85 4.71 30.15
N THR B 190 14.65 5.51 30.86
CA THR B 190 15.69 5.10 31.86
C THR B 190 15.23 5.56 33.26
N TYR B 191 15.31 4.66 34.24
CA TYR B 191 14.79 4.83 35.62
C TYR B 191 15.73 4.12 36.61
N GLU B 192 15.64 4.49 37.88
CA GLU B 192 16.38 3.81 38.98
C GLU B 192 15.63 2.52 39.32
N CYS B 193 16.35 1.42 39.53
CA CYS B 193 15.83 0.05 39.83
C CYS B 193 16.77 -0.64 40.83
N ASP B 194 16.26 -1.63 41.58
CA ASP B 194 17.06 -2.50 42.49
C ASP B 194 17.04 -3.94 41.97
N VAL B 195 16.04 -4.31 41.18
CA VAL B 195 15.85 -5.71 40.63
C VAL B 195 15.91 -5.69 39.10
N PHE B 196 16.16 -6.85 38.51
CA PHE B 196 16.35 -7.04 37.05
C PHE B 196 15.41 -8.14 36.54
N PHE B 197 15.50 -8.42 35.24
CA PHE B 197 14.93 -9.61 34.56
C PHE B 197 16.13 -10.39 34.04
N PRO B 198 16.21 -11.73 34.21
CA PRO B 198 17.44 -12.45 33.89
C PRO B 198 17.69 -12.38 32.38
N GLU B 199 18.97 -12.29 32.00
CA GLU B 199 19.46 -12.46 30.61
C GLU B 199 18.57 -13.47 29.91
N ILE B 200 18.55 -13.45 28.58
CA ILE B 200 17.80 -14.45 27.76
C ILE B 200 18.78 -15.10 26.77
N ASN B 201 18.85 -16.44 26.75
CA ASN B 201 19.77 -17.23 25.90
C ASN B 201 19.31 -17.10 24.45
N GLU B 202 20.09 -16.38 23.64
CA GLU B 202 19.95 -16.33 22.17
C GLU B 202 19.59 -17.74 21.68
N ASN B 203 20.32 -18.76 22.16
CA ASN B 203 20.21 -20.16 21.69
C ASN B 203 18.93 -20.80 22.24
N GLU B 204 18.39 -20.30 23.36
CA GLU B 204 17.24 -20.93 24.07
C GLU B 204 15.93 -20.27 23.63
N TYR B 205 15.91 -18.93 23.57
CA TYR B 205 14.72 -18.11 23.21
C TYR B 205 15.05 -17.21 22.02
N GLN B 206 14.12 -17.07 21.07
CA GLN B 206 14.21 -16.12 19.92
C GLN B 206 12.84 -15.44 19.72
N ILE B 207 12.87 -14.16 19.31
CA ILE B 207 11.67 -13.31 19.05
C ILE B 207 10.97 -13.77 17.76
N ILE B 208 9.63 -13.73 17.74
CA ILE B 208 8.78 -14.17 16.60
C ILE B 208 7.67 -13.14 16.32
N SER B 209 7.70 -11.98 16.98
CA SER B 209 6.72 -10.89 16.79
C SER B 209 7.21 -9.60 17.44
N VAL B 210 7.03 -8.48 16.73
CA VAL B 210 7.38 -7.09 17.13
C VAL B 210 6.18 -6.21 16.83
N SER B 211 5.54 -5.64 17.85
CA SER B 211 4.30 -4.82 17.70
C SER B 211 4.64 -3.46 17.10
N ASP B 212 3.58 -2.70 16.79
CA ASP B 212 3.67 -1.26 16.50
C ASP B 212 4.27 -0.58 17.74
N VAL B 213 4.97 0.55 17.56
CA VAL B 213 5.56 1.40 18.65
C VAL B 213 4.54 2.45 19.07
N TYR B 214 4.39 2.67 20.37
CA TYR B 214 3.38 3.57 20.96
C TYR B 214 4.11 4.60 21.80
N THR B 215 3.50 5.78 22.04
CA THR B 215 3.84 6.72 23.15
C THR B 215 2.70 6.67 24.19
N SER B 216 3.02 6.94 25.45
CA SER B 216 2.07 6.95 26.60
C SER B 216 2.87 7.16 27.88
N ASN B 217 2.47 8.17 28.65
CA ASN B 217 3.07 8.56 29.96
C ASN B 217 4.46 9.12 29.67
N ASN B 218 4.59 9.82 28.53
CA ASN B 218 5.77 10.64 28.13
C ASN B 218 6.98 9.73 27.81
N THR B 219 6.75 8.46 27.50
CA THR B 219 7.78 7.52 26.97
C THR B 219 7.17 6.74 25.80
N THR B 220 7.99 6.39 24.79
CA THR B 220 7.67 5.32 23.82
C THR B 220 7.82 3.96 24.49
N LEU B 221 7.14 2.96 23.93
CA LEU B 221 7.20 1.53 24.35
C LEU B 221 6.73 0.66 23.19
N ASP B 222 7.15 -0.59 23.15
CA ASP B 222 6.58 -1.61 22.22
C ASP B 222 6.50 -2.94 22.98
N PHE B 223 5.81 -3.89 22.35
CA PHE B 223 5.43 -5.21 22.88
C PHE B 223 5.97 -6.29 21.93
N ILE B 224 6.85 -7.14 22.40
CA ILE B 224 7.42 -8.26 21.61
C ILE B 224 7.06 -9.61 22.25
N ILE B 225 7.28 -10.70 21.50
CA ILE B 225 7.03 -12.11 21.95
C ILE B 225 8.28 -12.97 21.71
N TYR B 226 8.85 -13.53 22.78
CA TYR B 226 9.91 -14.58 22.75
C TYR B 226 9.25 -15.97 22.76
N LYS B 227 10.06 -17.01 22.51
CA LYS B 227 9.60 -18.39 22.16
C LYS B 227 10.82 -19.33 22.08
N LYS B 228 10.66 -20.59 22.49
CA LYS B 228 11.78 -21.58 22.62
C LYS B 228 12.08 -22.21 21.25
N GLU B 285 -13.47 -23.90 1.19
CA GLU B 285 -13.78 -23.89 -0.27
C GLU B 285 -13.37 -22.54 -0.89
N GLU B 286 -13.27 -21.48 -0.06
CA GLU B 286 -12.76 -20.12 -0.40
C GLU B 286 -11.33 -19.96 0.12
N GLU B 287 -10.47 -20.96 -0.13
CA GLU B 287 -9.02 -20.97 0.19
C GLU B 287 -8.20 -21.51 -0.99
N ASP B 288 -8.69 -22.56 -1.65
CA ASP B 288 -8.21 -23.05 -2.97
C ASP B 288 -8.49 -21.98 -4.04
N ASP B 289 -9.56 -21.22 -3.84
CA ASP B 289 -9.90 -19.99 -4.62
C ASP B 289 -8.70 -19.03 -4.64
N PHE B 290 -7.93 -18.93 -3.54
CA PHE B 290 -6.71 -18.07 -3.42
C PHE B 290 -5.67 -18.55 -4.46
N VAL B 291 -5.48 -19.87 -4.53
CA VAL B 291 -4.47 -20.58 -5.37
C VAL B 291 -4.80 -20.36 -6.83
N TYR B 292 -6.10 -20.38 -7.18
CA TYR B 292 -6.59 -20.23 -8.56
C TYR B 292 -6.29 -18.80 -9.03
N PHE B 293 -6.51 -17.82 -8.16
CA PHE B 293 -6.30 -16.38 -8.45
C PHE B 293 -4.81 -16.06 -8.53
N ASN B 294 -3.93 -16.91 -7.98
CA ASN B 294 -2.44 -16.79 -8.03
C ASN B 294 -1.87 -17.66 -9.16
N PHE B 295 -2.71 -18.10 -10.09
CA PHE B 295 -2.32 -19.05 -11.17
C PHE B 295 -1.31 -18.43 -12.13
N ASN B 296 -1.09 -17.11 -12.10
CA ASN B 296 -0.28 -16.41 -13.14
C ASN B 296 0.97 -15.73 -12.53
N LYS B 297 1.31 -16.01 -11.27
CA LYS B 297 2.45 -15.33 -10.59
C LYS B 297 3.78 -16.01 -10.97
N GLU B 298 4.89 -15.58 -10.36
CA GLU B 298 6.20 -16.23 -10.50
C GLU B 298 6.08 -17.67 -9.98
N LYS B 299 6.95 -18.58 -10.48
CA LYS B 299 7.00 -20.01 -10.13
C LYS B 299 7.84 -20.18 -8.85
N GLU B 300 9.02 -20.79 -8.90
CA GLU B 300 9.91 -21.05 -7.73
C GLU B 300 11.33 -20.49 -7.97
N GLU B 301 11.80 -20.46 -9.23
CA GLU B 301 13.13 -19.96 -9.67
C GLU B 301 12.95 -18.82 -10.70
N LYS B 302 11.74 -18.24 -10.79
CA LYS B 302 11.39 -17.07 -11.66
C LYS B 302 11.34 -15.79 -10.81
N ASN B 303 11.16 -15.89 -9.47
CA ASN B 303 11.16 -14.75 -8.52
C ASN B 303 12.45 -13.95 -8.70
N LYS B 304 12.41 -13.00 -9.65
CA LYS B 304 13.56 -12.36 -10.33
C LYS B 304 14.90 -12.76 -9.72
N ASN B 305 15.32 -12.10 -8.61
CA ASN B 305 16.74 -11.76 -8.26
C ASN B 305 17.46 -12.86 -7.46
N SER B 306 18.80 -12.99 -7.71
CA SER B 306 19.76 -13.94 -7.07
C SER B 306 20.25 -13.39 -5.72
N ILE B 307 19.29 -13.21 -4.81
CA ILE B 307 19.45 -13.12 -3.32
C ILE B 307 19.15 -14.53 -2.81
N HIS B 308 19.31 -14.79 -1.51
CA HIS B 308 19.03 -16.12 -0.91
C HIS B 308 17.99 -16.03 0.21
N PRO B 309 17.20 -17.10 0.49
CA PRO B 309 16.33 -17.13 1.66
C PRO B 309 17.22 -17.26 2.90
N ASN B 310 18.10 -18.27 2.90
CA ASN B 310 19.04 -18.71 3.99
C ASN B 310 19.64 -17.51 4.74
N ASP B 311 19.93 -16.42 4.04
CA ASP B 311 20.55 -15.20 4.62
C ASP B 311 19.53 -14.44 5.48
N PHE B 312 18.26 -14.37 5.05
CA PHE B 312 17.15 -13.72 5.79
C PHE B 312 16.48 -14.68 6.77
N GLN B 313 17.25 -15.47 7.53
CA GLN B 313 16.71 -16.51 8.46
C GLN B 313 15.73 -15.85 9.44
N ILE B 314 16.16 -14.76 10.07
CA ILE B 314 15.53 -14.12 11.26
C ILE B 314 14.37 -13.24 10.79
N TYR B 315 14.53 -12.58 9.63
CA TYR B 315 13.48 -11.74 8.99
C TYR B 315 12.29 -12.63 8.66
N ASN B 316 12.49 -13.69 7.87
CA ASN B 316 11.39 -14.54 7.34
C ASN B 316 10.69 -15.27 8.51
N SER B 317 11.39 -15.38 9.63
CA SER B 317 10.90 -16.04 10.88
C SER B 317 9.78 -15.20 11.48
N LEU B 318 9.96 -13.88 11.54
CA LEU B 318 9.03 -13.04 12.34
C LEU B 318 7.63 -13.21 11.74
N LYS B 319 6.65 -13.41 12.62
CA LYS B 319 5.26 -13.76 12.25
C LYS B 319 4.45 -12.47 12.07
N TYR B 320 4.43 -11.62 13.09
CA TYR B 320 3.87 -10.25 13.01
C TYR B 320 5.03 -9.26 12.99
N LYS B 321 5.16 -8.51 11.89
CA LYS B 321 6.17 -7.44 11.71
C LYS B 321 5.47 -6.06 11.76
N TYR B 322 4.82 -5.70 12.87
CA TYR B 322 3.98 -4.47 12.97
C TYR B 322 4.78 -3.23 13.39
N HIS B 323 6.06 -3.37 13.73
CA HIS B 323 6.95 -2.23 14.10
C HIS B 323 7.12 -1.38 12.85
N PRO B 324 7.02 -0.03 12.90
CA PRO B 324 6.97 0.79 11.68
C PRO B 324 8.31 0.94 10.95
N GLU B 325 9.43 0.57 11.57
CA GLU B 325 10.73 0.46 10.86
C GLU B 325 10.60 -0.58 9.74
N TYR B 326 9.58 -1.44 9.80
CA TYR B 326 9.36 -2.52 8.80
C TYR B 326 8.77 -1.95 7.51
N GLN B 327 8.35 -0.69 7.50
CA GLN B 327 7.90 0.01 6.26
C GLN B 327 9.12 0.22 5.36
N TYR B 328 10.26 0.56 5.97
CA TYR B 328 11.60 0.70 5.32
C TYR B 328 12.13 -0.70 5.01
N LEU B 329 12.24 -1.59 6.01
CA LEU B 329 12.90 -2.92 5.86
C LEU B 329 12.26 -3.78 4.75
N ASN B 330 10.92 -3.80 4.64
CA ASN B 330 10.17 -4.58 3.63
C ASN B 330 10.34 -3.98 2.24
N ILE B 331 10.74 -2.72 2.16
CA ILE B 331 10.98 -2.10 0.84
C ILE B 331 12.37 -2.55 0.38
N ILE B 332 13.34 -2.55 1.28
CA ILE B 332 14.64 -3.24 1.03
C ILE B 332 14.33 -4.66 0.53
N TYR B 333 13.46 -5.41 1.22
CA TYR B 333 13.10 -6.81 0.87
C TYR B 333 12.30 -6.87 -0.43
N ASP B 334 11.43 -5.91 -0.75
CA ASP B 334 10.70 -5.93 -2.05
C ASP B 334 11.68 -5.68 -3.21
N ILE B 335 12.61 -4.73 -3.08
CA ILE B 335 13.49 -4.30 -4.21
C ILE B 335 14.52 -5.42 -4.43
N MET B 336 15.07 -5.95 -3.34
CA MET B 336 16.13 -7.00 -3.37
C MET B 336 15.66 -8.17 -4.21
N MET B 337 14.39 -8.53 -4.11
CA MET B 337 13.84 -9.84 -4.53
C MET B 337 13.07 -9.72 -5.83
N ASN B 338 12.46 -8.55 -6.10
CA ASN B 338 11.53 -8.31 -7.24
C ASN B 338 12.02 -7.17 -8.15
N GLY B 339 13.13 -6.52 -7.80
CA GLY B 339 13.60 -5.27 -8.41
C GLY B 339 14.28 -5.48 -9.75
N ASN B 340 14.07 -4.55 -10.67
CA ASN B 340 14.68 -4.52 -12.03
C ASN B 340 16.15 -4.16 -11.92
N LYS B 341 17.03 -4.89 -12.61
CA LYS B 341 18.49 -4.61 -12.68
C LYS B 341 18.73 -3.52 -13.72
N GLN B 342 19.24 -2.37 -13.29
CA GLN B 342 19.68 -1.27 -14.19
C GLN B 342 21.15 -0.90 -13.89
N SER B 343 21.92 -0.59 -14.93
CA SER B 343 23.17 0.19 -14.86
C SER B 343 22.77 1.66 -14.98
N ASP B 344 23.49 2.60 -14.35
CA ASP B 344 23.10 4.04 -14.39
C ASP B 344 24.16 4.89 -15.10
N ARG B 345 23.84 6.19 -15.24
CA ARG B 345 24.71 7.31 -15.69
C ARG B 345 26.19 6.87 -15.62
N THR B 346 26.67 6.50 -14.41
CA THR B 346 28.10 6.29 -14.01
C THR B 346 28.69 4.96 -14.55
N GLY B 347 27.84 4.05 -15.07
CA GLY B 347 28.20 2.66 -15.43
C GLY B 347 28.29 1.74 -14.22
N VAL B 348 27.54 2.02 -13.14
CA VAL B 348 27.55 1.30 -11.83
C VAL B 348 26.57 0.10 -11.91
N GLY B 349 25.50 0.08 -11.11
CA GLY B 349 24.63 -1.10 -10.97
C GLY B 349 23.70 -1.04 -9.76
N VAL B 350 22.39 -0.96 -9.99
CA VAL B 350 21.35 -0.88 -8.93
C VAL B 350 20.25 -1.93 -9.15
N LEU B 351 19.40 -2.11 -8.14
CA LEU B 351 18.06 -2.77 -8.27
C LEU B 351 17.00 -1.69 -8.02
N SER B 352 16.08 -1.50 -8.94
CA SER B 352 15.09 -0.40 -8.89
C SER B 352 13.66 -0.96 -8.98
N LYS B 353 12.76 -0.34 -8.23
CA LYS B 353 11.28 -0.42 -8.34
C LYS B 353 10.76 1.01 -8.46
N PHE B 354 9.48 1.21 -8.85
CA PHE B 354 8.83 2.54 -8.99
C PHE B 354 7.53 2.61 -8.16
N GLY B 355 7.46 3.54 -7.20
CA GLY B 355 6.23 3.90 -6.48
C GLY B 355 6.05 3.16 -5.16
N TYR B 356 6.50 3.76 -4.06
CA TYR B 356 6.19 3.31 -2.67
C TYR B 356 5.76 4.50 -1.82
N ILE B 357 4.99 4.21 -0.77
CA ILE B 357 4.53 5.22 0.24
C ILE B 357 4.75 4.64 1.65
N MET B 358 5.54 5.31 2.47
CA MET B 358 5.70 5.01 3.92
C MET B 358 4.86 6.05 4.69
N LYS B 359 4.23 5.65 5.80
CA LYS B 359 3.55 6.57 6.74
C LYS B 359 4.16 6.38 8.12
N PHE B 360 4.59 7.44 8.78
CA PHE B 360 5.12 7.38 10.16
C PHE B 360 4.32 8.30 11.08
N ASP B 361 3.79 7.78 12.20
CA ASP B 361 2.95 8.55 13.17
C ASP B 361 3.87 9.28 14.14
N LEU B 362 4.17 10.55 13.88
CA LEU B 362 5.14 11.33 14.70
C LEU B 362 4.57 11.61 16.09
N SER B 363 3.27 11.42 16.33
CA SER B 363 2.62 11.59 17.66
C SER B 363 3.03 10.47 18.62
N GLN B 364 3.55 9.36 18.08
CA GLN B 364 3.80 8.10 18.85
C GLN B 364 5.30 7.78 18.88
N TYR B 365 6.10 8.40 18.02
CA TYR B 365 7.56 8.12 17.90
C TYR B 365 8.22 9.03 16.84
N PHE B 366 9.55 9.06 16.89
CA PHE B 366 10.42 9.67 15.86
C PHE B 366 11.08 8.54 15.08
N PRO B 367 10.79 8.36 13.77
CA PRO B 367 11.23 7.17 13.04
C PRO B 367 12.70 7.20 12.61
N LEU B 368 13.63 7.22 13.58
CA LEU B 368 15.11 7.12 13.33
C LEU B 368 15.53 5.64 13.29
N LEU B 369 15.72 5.07 12.10
CA LEU B 369 15.86 3.60 11.92
C LEU B 369 16.83 3.10 13.00
N THR B 370 16.63 1.88 13.50
CA THR B 370 17.23 1.36 14.74
C THR B 370 18.09 0.13 14.41
N THR B 371 18.17 -0.27 13.15
CA THR B 371 18.93 -1.47 12.75
C THR B 371 20.32 -1.05 12.33
N LYS B 372 20.72 0.20 12.63
CA LYS B 372 22.05 0.77 12.27
C LYS B 372 22.17 2.16 12.87
N LYS B 373 23.36 2.59 13.23
CA LYS B 373 23.55 3.89 13.94
C LYS B 373 23.34 5.01 12.92
N LEU B 374 22.55 6.01 13.31
CA LEU B 374 22.30 7.23 12.51
C LEU B 374 22.65 8.47 13.33
N PHE B 375 23.06 9.53 12.63
CA PHE B 375 23.48 10.85 13.16
C PHE B 375 22.64 11.95 12.53
N LEU B 376 22.29 12.96 13.34
CA LEU B 376 21.29 13.99 12.95
C LEU B 376 21.82 15.43 13.03
N ARG B 377 23.05 15.66 13.49
CA ARG B 377 23.60 17.04 13.51
C ARG B 377 23.82 17.50 12.07
N GLY B 378 24.62 16.73 11.33
CA GLY B 378 24.82 16.86 9.88
C GLY B 378 23.56 17.34 9.21
N ILE B 379 22.41 16.69 9.46
CA ILE B 379 21.17 16.88 8.64
C ILE B 379 20.24 17.95 9.23
N ILE B 380 20.18 18.12 10.53
CA ILE B 380 19.46 19.27 11.14
C ILE B 380 20.08 20.60 10.65
N GLU B 381 21.41 20.68 10.51
CA GLU B 381 22.15 21.88 10.00
C GLU B 381 21.88 22.13 8.52
N GLU B 382 21.68 21.05 7.73
CA GLU B 382 21.27 21.17 6.31
C GLU B 382 19.90 21.88 6.23
N LEU B 383 18.95 21.48 7.10
CA LEU B 383 17.57 22.00 7.19
C LEU B 383 17.57 23.47 7.59
N LEU B 384 18.51 23.91 8.44
CA LEU B 384 18.56 25.31 8.98
C LEU B 384 19.09 26.23 7.88
N TRP B 385 20.15 25.76 7.22
CA TRP B 385 20.74 26.27 5.96
C TRP B 385 19.67 26.48 4.88
N PHE B 386 18.70 25.57 4.79
CA PHE B 386 17.54 25.64 3.86
C PHE B 386 16.62 26.81 4.25
N ILE B 387 16.20 26.86 5.50
CA ILE B 387 15.27 27.90 6.05
C ILE B 387 15.93 29.26 5.90
N ARG B 388 17.24 29.35 6.14
CA ARG B 388 17.97 30.65 6.04
C ARG B 388 18.08 31.09 4.56
N GLY B 389 17.92 30.17 3.60
CA GLY B 389 17.82 30.46 2.15
C GLY B 389 19.17 30.38 1.46
N GLU B 390 20.17 29.77 2.10
CA GLU B 390 21.58 29.78 1.63
C GLU B 390 21.72 28.82 0.45
N THR B 391 22.61 29.15 -0.45
CA THR B 391 23.02 28.23 -1.52
C THR B 391 24.54 28.09 -1.43
N ASN B 392 25.08 28.41 -0.25
CA ASN B 392 26.52 28.63 -0.02
C ASN B 392 27.13 27.35 0.57
N GLY B 393 27.75 26.53 -0.28
CA GLY B 393 28.46 25.30 0.14
C GLY B 393 29.29 25.51 1.40
N ASN B 394 29.93 26.67 1.53
CA ASN B 394 30.97 26.94 2.57
C ASN B 394 30.31 26.94 3.96
N THR B 395 29.14 27.55 4.14
CA THR B 395 28.51 27.66 5.48
C THR B 395 28.50 26.28 6.16
N LEU B 396 28.10 25.23 5.40
CA LEU B 396 28.01 23.81 5.85
C LEU B 396 29.42 23.23 6.02
N LEU B 397 30.31 23.40 5.02
CA LEU B 397 31.70 22.86 5.06
C LEU B 397 32.36 23.36 6.35
N ASN B 398 32.24 24.65 6.66
CA ASN B 398 32.90 25.28 7.84
C ASN B 398 32.30 24.70 9.13
N LYS B 399 31.10 24.08 9.07
CA LYS B 399 30.47 23.36 10.21
C LYS B 399 30.67 21.85 10.08
N ASN B 400 31.59 21.42 9.22
CA ASN B 400 31.93 20.00 8.98
C ASN B 400 30.64 19.19 8.70
N VAL B 401 29.71 19.79 7.95
CA VAL B 401 28.60 19.12 7.24
C VAL B 401 29.02 19.10 5.77
N ARG B 402 29.29 17.90 5.23
CA ARG B 402 29.95 17.67 3.92
C ARG B 402 28.96 16.95 3.01
N ILE B 403 27.68 17.07 3.31
CA ILE B 403 26.55 16.48 2.54
C ILE B 403 26.64 16.93 1.09
N TRP B 404 27.11 18.16 0.79
CA TRP B 404 27.16 18.73 -0.58
C TRP B 404 28.60 18.92 -1.10
N GLU B 405 29.64 18.55 -0.36
CA GLU B 405 31.04 18.80 -0.77
C GLU B 405 31.22 18.34 -2.22
N ALA B 406 30.79 17.12 -2.55
CA ALA B 406 31.03 16.44 -3.85
C ALA B 406 30.49 17.28 -5.01
N ASN B 407 29.42 18.05 -4.76
CA ASN B 407 28.66 18.71 -5.84
C ASN B 407 29.13 20.16 -6.01
N GLY B 408 30.15 20.56 -5.26
CA GLY B 408 30.67 21.94 -5.30
C GLY B 408 32.03 22.02 -5.98
N THR B 409 32.67 20.87 -6.31
CA THR B 409 34.09 20.82 -6.72
C THR B 409 34.22 21.47 -8.08
N ARG B 410 35.40 21.97 -8.41
CA ARG B 410 35.60 22.60 -9.74
C ARG B 410 35.03 21.63 -10.79
N GLU B 411 35.38 20.34 -10.65
CA GLU B 411 35.18 19.26 -11.65
C GLU B 411 33.70 18.91 -11.85
N PHE B 412 32.92 18.84 -10.75
CA PHE B 412 31.48 18.50 -10.77
C PHE B 412 30.64 19.62 -11.40
N LEU B 413 30.93 20.87 -11.06
CA LEU B 413 30.19 22.02 -11.66
C LEU B 413 30.45 22.07 -13.17
N ASP B 414 31.69 21.76 -13.58
CA ASP B 414 32.16 21.85 -14.99
C ASP B 414 31.43 20.80 -15.86
N ASN B 415 31.10 19.60 -15.35
CA ASN B 415 30.34 18.60 -16.14
C ASN B 415 28.83 18.91 -16.13
N ARG B 416 28.35 19.73 -15.20
CA ARG B 416 26.98 20.31 -15.25
C ARG B 416 26.92 21.44 -16.28
N LYS B 417 28.09 21.87 -16.76
CA LYS B 417 28.32 23.02 -17.67
C LYS B 417 28.28 24.35 -16.89
N LEU B 418 28.51 24.32 -15.57
CA LEU B 418 28.47 25.53 -14.71
C LEU B 418 29.88 26.13 -14.61
N PHE B 419 30.45 26.46 -15.76
CA PHE B 419 31.82 26.99 -15.90
C PHE B 419 31.92 28.38 -15.27
N HIS B 420 30.80 29.07 -15.06
CA HIS B 420 30.79 30.44 -14.46
C HIS B 420 30.31 30.36 -13.00
N ARG B 421 30.68 29.31 -12.29
CA ARG B 421 30.14 29.07 -10.95
C ARG B 421 31.28 28.79 -9.99
N GLU B 422 31.41 29.67 -9.01
CA GLU B 422 32.38 29.55 -7.89
C GLU B 422 32.22 28.17 -7.28
N VAL B 423 33.31 27.60 -6.83
CA VAL B 423 33.27 26.38 -5.99
C VAL B 423 32.25 26.60 -4.84
N ASN B 424 31.41 25.61 -4.61
CA ASN B 424 30.52 25.50 -3.43
C ASN B 424 29.34 26.48 -3.58
N ASP B 425 29.26 27.22 -4.70
CA ASP B 425 28.03 27.94 -5.15
C ASP B 425 27.17 26.91 -5.88
N LEU B 426 26.31 26.23 -5.12
CA LEU B 426 25.47 25.10 -5.60
C LEU B 426 24.33 25.61 -6.50
N GLY B 427 24.10 26.93 -6.53
CA GLY B 427 23.11 27.58 -7.41
C GLY B 427 21.75 27.70 -6.72
N PRO B 428 20.67 27.99 -7.49
CA PRO B 428 19.30 28.03 -6.96
C PRO B 428 18.74 26.68 -6.52
N ILE B 429 19.16 26.21 -5.36
CA ILE B 429 18.77 24.86 -4.84
C ILE B 429 17.82 25.05 -3.65
N TYR B 430 17.53 23.98 -2.91
CA TYR B 430 16.48 24.00 -1.87
C TYR B 430 16.39 25.43 -1.33
N GLY B 431 17.46 25.89 -0.68
CA GLY B 431 17.46 27.16 0.07
C GLY B 431 16.78 28.28 -0.68
N PHE B 432 17.28 28.60 -1.88
CA PHE B 432 16.85 29.74 -2.73
C PHE B 432 15.40 29.59 -3.20
N GLN B 433 15.02 28.38 -3.63
CA GLN B 433 13.67 28.11 -4.17
C GLN B 433 12.61 28.29 -3.07
N TRP B 434 12.88 27.92 -1.84
CA TRP B 434 11.95 28.03 -0.68
C TRP B 434 11.64 29.48 -0.34
N ARG B 435 12.65 30.36 -0.37
CA ARG B 435 12.52 31.76 0.10
C ARG B 435 12.48 32.76 -1.08
N HIS B 436 12.91 32.40 -2.30
CA HIS B 436 13.13 33.38 -3.40
C HIS B 436 12.69 32.83 -4.78
N PHE B 437 11.78 31.87 -4.84
CA PHE B 437 11.37 31.14 -6.06
C PHE B 437 10.87 32.17 -7.08
N GLY B 438 11.47 32.15 -8.27
CA GLY B 438 11.10 33.02 -9.38
C GLY B 438 12.19 34.04 -9.60
N ALA B 439 12.86 34.47 -8.54
CA ALA B 439 13.93 35.49 -8.63
C ALA B 439 14.98 34.98 -9.60
N GLU B 440 15.66 35.90 -10.30
CA GLU B 440 16.91 35.60 -11.02
C GLU B 440 18.01 35.37 -9.98
N TYR B 441 18.76 34.28 -10.12
CA TYR B 441 19.93 33.95 -9.28
C TYR B 441 21.17 34.57 -9.91
N THR B 442 21.99 35.16 -9.06
CA THR B 442 23.26 35.82 -9.45
C THR B 442 24.41 34.93 -8.97
N ASN B 443 24.71 35.02 -7.67
CA ASN B 443 25.69 34.19 -6.92
C ASN B 443 25.14 33.96 -5.50
N MET B 444 25.88 33.22 -4.67
CA MET B 444 25.41 32.74 -3.34
C MET B 444 25.61 33.81 -2.25
N TYR B 445 26.23 34.95 -2.58
CA TYR B 445 26.61 36.02 -1.62
C TYR B 445 25.58 37.14 -1.69
N ASP B 446 24.85 37.22 -2.79
CA ASP B 446 23.90 38.31 -3.12
C ASP B 446 22.81 38.36 -2.05
N ASN B 447 22.52 39.56 -1.58
CA ASN B 447 21.31 39.91 -0.81
C ASN B 447 20.10 39.77 -1.76
N TYR B 448 19.29 38.72 -1.60
CA TYR B 448 18.08 38.41 -2.41
C TYR B 448 16.80 38.93 -1.72
N GLU B 449 16.92 39.68 -0.61
CA GLU B 449 15.77 40.05 0.25
C GLU B 449 14.69 40.77 -0.56
N ASN B 450 13.52 40.13 -0.63
CA ASN B 450 12.22 40.68 -1.14
C ASN B 450 12.10 40.40 -2.64
N LYS B 451 13.09 39.70 -3.23
CA LYS B 451 13.00 39.19 -4.63
C LYS B 451 12.44 37.76 -4.63
N GLY B 452 11.46 37.48 -5.48
CA GLY B 452 10.92 36.12 -5.69
C GLY B 452 9.82 35.81 -4.70
N VAL B 453 9.29 34.59 -4.73
CA VAL B 453 8.18 34.08 -3.85
C VAL B 453 8.76 33.37 -2.62
N ASP B 454 8.50 33.90 -1.43
CA ASP B 454 8.83 33.23 -0.15
C ASP B 454 7.74 32.23 0.21
N GLN B 455 7.78 31.06 -0.44
CA GLN B 455 6.87 29.91 -0.21
C GLN B 455 6.80 29.56 1.27
N LEU B 456 7.95 29.41 1.90
CA LEU B 456 8.02 28.97 3.31
C LEU B 456 7.11 29.83 4.18
N LYS B 457 7.15 31.15 4.00
CA LYS B 457 6.30 32.08 4.77
C LYS B 457 4.85 31.80 4.38
N ASN B 458 4.64 31.64 3.08
CA ASN B 458 3.32 31.43 2.45
C ASN B 458 2.69 30.17 3.05
N ILE B 459 3.42 29.03 3.02
CA ILE B 459 2.86 27.73 3.48
C ILE B 459 2.46 27.88 4.95
N ILE B 460 3.29 28.60 5.70
CA ILE B 460 3.13 28.75 7.17
C ILE B 460 1.87 29.58 7.41
N ASN B 461 1.72 30.70 6.70
CA ASN B 461 0.54 31.60 6.83
C ASN B 461 -0.69 30.82 6.41
N LEU B 462 -0.60 30.01 5.35
CA LEU B 462 -1.72 29.16 4.87
C LEU B 462 -2.08 28.14 5.98
N ILE B 463 -1.10 27.46 6.62
CA ILE B 463 -1.43 26.51 7.72
C ILE B 463 -2.22 27.29 8.80
N LYS B 464 -1.70 28.43 9.26
CA LYS B 464 -2.36 29.31 10.29
C LYS B 464 -3.73 29.84 9.82
N ASN B 465 -3.74 30.56 8.70
CA ASN B 465 -4.92 31.32 8.19
C ASN B 465 -6.00 30.39 7.58
N ASP B 466 -5.64 29.37 6.77
CA ASP B 466 -6.57 28.50 5.99
C ASP B 466 -6.16 27.03 6.14
N PRO B 467 -6.37 26.40 7.32
CA PRO B 467 -5.85 25.05 7.53
C PRO B 467 -6.48 24.06 6.55
N THR B 468 -7.72 24.28 6.10
CA THR B 468 -8.46 23.31 5.25
C THR B 468 -8.06 23.47 3.77
N SER B 469 -7.02 24.25 3.48
CA SER B 469 -6.54 24.51 2.10
C SER B 469 -5.96 23.22 1.52
N ARG B 470 -5.96 23.08 0.21
CA ARG B 470 -5.35 21.89 -0.41
C ARG B 470 -4.36 22.38 -1.46
N ARG B 471 -3.72 23.51 -1.12
CA ARG B 471 -2.71 24.24 -1.91
C ARG B 471 -1.55 24.62 -0.99
N ILE B 472 -1.29 23.80 0.00
CA ILE B 472 -0.19 24.08 0.94
C ILE B 472 0.98 23.18 0.53
N LEU B 473 1.61 23.54 -0.61
CA LEU B 473 2.79 22.85 -1.19
C LEU B 473 4.03 23.69 -0.97
N LEU B 474 5.18 23.05 -0.77
CA LEU B 474 6.52 23.67 -0.77
C LEU B 474 7.30 22.92 -1.85
N CYS B 475 7.47 23.55 -3.02
CA CYS B 475 8.05 22.96 -4.24
C CYS B 475 9.45 23.54 -4.49
N ALA B 476 10.50 22.69 -4.46
CA ALA B 476 11.93 23.01 -4.71
C ALA B 476 12.33 22.71 -6.17
N TRP B 477 11.41 22.16 -6.96
CA TRP B 477 11.62 21.79 -8.37
C TRP B 477 11.08 22.91 -9.26
N ASN B 478 11.85 24.01 -9.33
CA ASN B 478 11.75 25.11 -10.30
C ASN B 478 12.37 24.66 -11.63
N VAL B 479 11.56 24.47 -12.68
CA VAL B 479 12.00 23.88 -13.99
C VAL B 479 12.85 24.89 -14.80
N LYS B 480 12.77 26.17 -14.42
CA LYS B 480 13.52 27.24 -15.09
C LYS B 480 14.97 27.18 -14.62
N ASP B 481 15.22 26.66 -13.41
CA ASP B 481 16.52 26.82 -12.71
C ASP B 481 17.25 25.48 -12.58
N LEU B 482 16.61 24.35 -12.91
CA LEU B 482 17.22 22.99 -12.83
C LEU B 482 18.65 23.08 -13.37
N ASP B 483 18.78 23.44 -14.66
CA ASP B 483 20.08 23.55 -15.38
C ASP B 483 21.12 24.25 -14.49
N GLN B 484 20.71 25.28 -13.75
CA GLN B 484 21.60 26.21 -12.97
C GLN B 484 22.01 25.58 -11.63
N MET B 485 21.37 24.49 -11.22
CA MET B 485 21.61 23.85 -9.90
C MET B 485 22.78 22.89 -10.05
N ALA B 486 23.54 22.65 -8.99
CA ALA B 486 24.63 21.65 -9.08
C ALA B 486 23.97 20.30 -9.42
N LEU B 487 22.84 19.97 -8.77
CA LEU B 487 21.95 18.88 -9.26
C LEU B 487 20.50 19.28 -9.00
N PRO B 488 19.52 18.80 -9.81
CA PRO B 488 18.09 18.97 -9.52
C PRO B 488 17.69 18.47 -8.14
N PRO B 489 16.67 19.06 -7.48
CA PRO B 489 16.30 18.61 -6.14
C PRO B 489 16.04 17.10 -6.15
N CYS B 490 16.63 16.34 -5.21
CA CYS B 490 16.20 14.93 -4.98
C CYS B 490 14.77 14.91 -4.43
N HIS B 491 14.37 15.87 -3.60
CA HIS B 491 13.05 15.97 -2.92
C HIS B 491 12.15 17.05 -3.58
N ILE B 492 11.14 16.62 -4.34
CA ILE B 492 10.38 17.50 -5.26
C ILE B 492 9.50 18.46 -4.47
N LEU B 493 8.70 17.96 -3.53
CA LEU B 493 7.71 18.79 -2.81
C LEU B 493 7.33 18.17 -1.46
N CYS B 494 7.08 19.04 -0.49
CA CYS B 494 6.29 18.81 0.73
C CYS B 494 4.86 19.27 0.44
N GLN B 495 3.83 18.47 0.72
CA GLN B 495 2.44 19.00 0.84
C GLN B 495 1.97 18.77 2.28
N PHE B 496 1.15 19.70 2.79
CA PHE B 496 0.64 19.74 4.17
C PHE B 496 -0.88 19.57 4.21
N TYR B 497 -1.33 18.96 5.31
CA TYR B 497 -2.73 18.63 5.68
C TYR B 497 -2.91 18.99 7.16
N VAL B 498 -3.98 19.72 7.47
CA VAL B 498 -4.39 20.06 8.87
C VAL B 498 -5.82 19.54 9.10
N PHE B 499 -5.96 18.57 9.98
CA PHE B 499 -7.27 18.18 10.57
C PHE B 499 -7.16 18.20 12.09
N ASP B 500 -8.14 18.84 12.74
CA ASP B 500 -8.27 18.95 14.22
C ASP B 500 -6.94 19.35 14.90
N GLY B 501 -6.39 20.52 14.56
CA GLY B 501 -5.21 21.09 15.22
C GLY B 501 -4.01 20.16 15.12
N LYS B 502 -3.95 19.38 14.03
CA LYS B 502 -2.94 18.30 13.82
C LYS B 502 -2.48 18.30 12.36
N LEU B 503 -1.16 18.18 12.13
CA LEU B 503 -0.45 18.52 10.86
C LEU B 503 0.30 17.28 10.32
N SER B 504 -0.14 16.82 9.16
CA SER B 504 0.56 15.75 8.42
C SER B 504 1.29 16.41 7.23
N CYS B 505 2.15 15.62 6.58
CA CYS B 505 3.16 16.09 5.59
C CYS B 505 3.51 14.91 4.67
N ILE B 506 3.13 15.03 3.40
CA ILE B 506 3.72 14.18 2.33
C ILE B 506 4.94 14.90 1.72
N MET B 507 6.04 14.16 1.58
CA MET B 507 7.24 14.53 0.79
C MET B 507 7.37 13.52 -0.34
N TYR B 508 7.42 13.99 -1.59
CA TYR B 508 7.49 13.15 -2.80
C TYR B 508 8.94 13.17 -3.28
N GLN B 509 9.57 12.03 -3.38
CA GLN B 509 11.02 11.98 -3.70
C GLN B 509 11.19 11.34 -5.08
N ARG B 510 11.94 11.98 -5.96
CA ARG B 510 12.09 11.54 -7.37
C ARG B 510 13.13 10.42 -7.44
N SER B 511 14.15 10.47 -6.57
CA SER B 511 15.35 9.60 -6.60
C SER B 511 15.75 9.23 -5.17
N CYS B 512 15.53 7.96 -4.84
CA CYS B 512 15.59 7.35 -3.50
C CYS B 512 16.68 6.29 -3.54
N ASP B 513 17.83 6.55 -2.91
CA ASP B 513 18.89 5.55 -2.64
C ASP B 513 18.58 4.90 -1.30
N LEU B 514 17.88 3.77 -1.36
CA LEU B 514 17.30 3.06 -0.19
C LEU B 514 18.34 2.78 0.89
N GLY B 515 19.59 2.48 0.53
CA GLY B 515 20.63 2.01 1.48
C GLY B 515 21.22 3.12 2.35
N LEU B 516 21.55 4.28 1.78
CA LEU B 516 22.19 5.43 2.47
C LEU B 516 21.18 6.56 2.76
N GLY B 517 20.49 7.04 1.72
CA GLY B 517 19.79 8.34 1.76
C GLY B 517 18.50 8.29 2.54
N VAL B 518 17.58 7.43 2.06
CA VAL B 518 16.19 7.29 2.55
C VAL B 518 16.18 7.37 4.08
N PRO B 519 17.01 6.60 4.82
CA PRO B 519 17.09 6.68 6.28
C PRO B 519 17.19 8.09 6.87
N PHE B 520 18.17 8.89 6.40
CA PHE B 520 18.33 10.35 6.68
C PHE B 520 17.09 11.12 6.16
N ASN B 521 16.61 10.77 4.99
CA ASN B 521 15.52 11.53 4.32
C ASN B 521 14.28 11.46 5.21
N ILE B 522 14.00 10.29 5.77
CA ILE B 522 12.87 10.04 6.72
C ILE B 522 13.07 10.89 7.97
N ALA B 523 14.29 10.97 8.48
CA ALA B 523 14.65 11.86 9.61
C ALA B 523 14.43 13.34 9.25
N SER B 524 14.98 13.81 8.14
CA SER B 524 14.94 15.26 7.78
C SER B 524 13.49 15.76 7.84
N TYR B 525 12.65 15.21 6.98
CA TYR B 525 11.30 15.76 6.73
C TYR B 525 10.40 15.46 7.94
N SER B 526 10.85 14.56 8.82
CA SER B 526 10.18 14.32 10.12
C SER B 526 10.41 15.54 11.01
N ILE B 527 11.68 15.94 11.15
CA ILE B 527 12.06 17.14 11.96
C ILE B 527 11.27 18.36 11.44
N PHE B 528 11.37 18.64 10.13
CA PHE B 528 10.71 19.77 9.44
C PHE B 528 9.22 19.78 9.81
N THR B 529 8.63 18.59 9.91
CA THR B 529 7.19 18.47 10.19
C THR B 529 6.93 18.93 11.61
N HIS B 530 7.72 18.48 12.60
CA HIS B 530 7.74 18.99 14.01
C HIS B 530 7.99 20.51 14.00
N MET B 531 9.04 20.93 13.30
CA MET B 531 9.38 22.37 13.20
C MET B 531 8.13 23.14 12.74
N ILE B 532 7.53 22.82 11.59
CA ILE B 532 6.42 23.62 11.01
C ILE B 532 5.21 23.54 11.95
N ALA B 533 5.04 22.37 12.59
CA ALA B 533 3.94 22.09 13.52
C ALA B 533 4.06 23.05 14.71
N GLN B 534 5.25 23.18 15.26
CA GLN B 534 5.49 24.00 16.48
C GLN B 534 5.24 25.47 16.13
N VAL B 535 5.94 26.01 15.13
CA VAL B 535 5.79 27.43 14.71
C VAL B 535 4.38 27.73 14.23
N CYS B 536 3.52 26.74 14.05
CA CYS B 536 2.11 26.89 13.59
C CYS B 536 1.14 26.44 14.71
N ASN B 537 1.64 26.12 15.90
CA ASN B 537 0.85 25.83 17.13
C ASN B 537 -0.02 24.60 16.88
N LEU B 538 0.59 23.56 16.33
CA LEU B 538 -0.07 22.31 15.92
C LEU B 538 0.73 21.10 16.45
N GLN B 539 0.03 20.00 16.72
CA GLN B 539 0.64 18.71 17.15
C GLN B 539 1.01 17.96 15.87
N PRO B 540 2.27 17.54 15.67
CA PRO B 540 2.60 16.66 14.55
C PRO B 540 1.70 15.42 14.52
N ALA B 541 1.35 14.98 13.31
CA ALA B 541 0.53 13.76 13.02
C ALA B 541 1.42 12.79 12.24
N GLN B 542 1.19 12.56 10.94
CA GLN B 542 2.05 11.59 10.20
C GLN B 542 2.99 12.36 9.29
N PHE B 543 4.26 11.94 9.24
CA PHE B 543 5.13 12.22 8.08
C PHE B 543 4.90 11.11 7.06
N ILE B 544 4.66 11.49 5.79
CA ILE B 544 4.23 10.55 4.69
C ILE B 544 5.24 10.69 3.53
N HIS B 545 5.88 9.61 3.14
CA HIS B 545 7.06 9.62 2.26
C HIS B 545 6.68 8.82 1.02
N VAL B 546 6.62 9.47 -0.13
CA VAL B 546 6.30 8.82 -1.43
C VAL B 546 7.63 8.62 -2.12
N LEU B 547 7.95 7.37 -2.48
CA LEU B 547 9.20 7.01 -3.18
C LEU B 547 8.87 6.84 -4.67
N GLY B 548 9.59 7.56 -5.52
CA GLY B 548 9.49 7.49 -6.99
C GLY B 548 10.34 6.36 -7.52
N ASN B 549 11.43 6.66 -8.22
CA ASN B 549 12.56 5.73 -8.51
C ASN B 549 13.22 5.35 -7.17
N ALA B 550 12.91 4.16 -6.66
CA ALA B 550 13.43 3.63 -5.39
C ALA B 550 14.45 2.57 -5.73
N HIS B 551 15.73 2.77 -5.38
CA HIS B 551 16.83 1.86 -5.77
C HIS B 551 17.71 1.43 -4.59
N VAL B 552 18.23 0.22 -4.70
CA VAL B 552 19.28 -0.35 -3.81
C VAL B 552 20.49 -0.63 -4.68
N TYR B 553 21.61 -0.01 -4.34
CA TYR B 553 22.91 -0.20 -5.03
C TYR B 553 23.37 -1.64 -4.82
N ASN B 554 23.99 -2.24 -5.84
CA ASN B 554 24.44 -3.65 -5.85
C ASN B 554 25.41 -3.92 -4.69
N ASN B 555 26.28 -2.96 -4.35
CA ASN B 555 27.27 -3.20 -3.27
C ASN B 555 26.79 -2.54 -1.98
N HIS B 556 25.47 -2.46 -1.75
CA HIS B 556 24.87 -2.21 -0.41
C HIS B 556 24.19 -3.50 0.10
N ILE B 557 24.07 -4.48 -0.80
CA ILE B 557 23.16 -5.64 -0.66
C ILE B 557 23.59 -6.50 0.54
N ASP B 558 24.86 -6.96 0.60
CA ASP B 558 25.31 -7.84 1.73
C ASP B 558 25.04 -7.12 3.06
N SER B 559 25.40 -5.83 3.14
CA SER B 559 25.08 -4.92 4.26
C SER B 559 23.58 -4.95 4.57
N LEU B 560 22.70 -4.75 3.59
CA LEU B 560 21.24 -4.68 3.84
C LEU B 560 20.71 -6.03 4.32
N LYS B 561 21.35 -7.15 3.92
CA LYS B 561 20.93 -8.51 4.37
C LYS B 561 21.15 -8.58 5.88
N ILE B 562 22.35 -8.23 6.32
CA ILE B 562 22.72 -8.10 7.76
C ILE B 562 21.62 -7.29 8.45
N GLN B 563 21.20 -6.20 7.79
CA GLN B 563 20.25 -5.20 8.34
C GLN B 563 18.86 -5.85 8.47
N LEU B 564 18.33 -6.47 7.41
CA LEU B 564 16.97 -7.09 7.39
C LEU B 564 16.82 -8.11 8.56
N ASN B 565 17.90 -8.82 8.91
CA ASN B 565 17.91 -9.88 9.96
C ASN B 565 18.10 -9.30 11.36
N ARG B 566 18.15 -7.98 11.54
CA ARG B 566 18.16 -7.35 12.88
C ARG B 566 16.76 -6.85 13.23
N ILE B 567 16.30 -7.22 14.42
CA ILE B 567 14.99 -6.86 15.00
C ILE B 567 15.04 -5.40 15.48
N PRO B 568 14.09 -4.56 14.99
CA PRO B 568 14.04 -3.15 15.38
C PRO B 568 13.86 -2.92 16.90
N TYR B 569 14.59 -1.95 17.45
CA TYR B 569 14.37 -1.46 18.82
C TYR B 569 13.25 -0.43 18.75
N PRO B 570 12.51 -0.18 19.87
CA PRO B 570 11.57 0.92 19.90
C PRO B 570 12.20 2.26 19.52
N PHE B 571 11.45 3.06 18.78
CA PHE B 571 11.98 4.34 18.23
C PHE B 571 12.29 5.27 19.40
N PRO B 572 13.17 6.26 19.19
CA PRO B 572 13.38 7.33 20.17
C PRO B 572 12.29 8.40 20.05
N THR B 573 12.50 9.57 20.66
CA THR B 573 11.63 10.77 20.55
C THR B 573 12.51 11.97 20.24
N LEU B 574 11.91 13.03 19.72
CA LEU B 574 12.61 14.29 19.34
C LEU B 574 12.10 15.40 20.24
N LYS B 575 12.99 16.06 20.98
CA LYS B 575 12.71 17.28 21.76
C LYS B 575 13.05 18.51 20.91
N LEU B 576 12.03 19.29 20.56
CA LEU B 576 12.22 20.68 20.12
C LEU B 576 11.99 21.57 21.34
N ASN B 577 12.97 22.43 21.58
CA ASN B 577 12.83 23.61 22.44
C ASN B 577 11.46 24.28 22.21
N PRO B 578 10.50 24.15 23.17
CA PRO B 578 9.15 24.73 23.04
C PRO B 578 9.02 26.26 22.82
N ASP B 579 10.03 27.03 23.19
CA ASP B 579 10.02 28.53 23.13
C ASP B 579 10.10 28.98 21.66
N ILE B 580 10.70 28.19 20.76
CA ILE B 580 10.95 28.66 19.37
C ILE B 580 9.60 28.68 18.65
N LYS B 581 9.27 29.78 17.97
CA LYS B 581 7.90 29.92 17.40
C LYS B 581 7.93 30.67 16.06
N ASN B 582 9.09 31.01 15.51
CA ASN B 582 9.27 31.42 14.08
C ASN B 582 10.24 30.41 13.45
N ILE B 583 10.11 30.13 12.15
CA ILE B 583 10.90 29.05 11.50
C ILE B 583 12.37 29.46 11.41
N GLU B 584 12.66 30.75 11.53
CA GLU B 584 14.03 31.30 11.33
C GLU B 584 14.76 31.33 12.69
N ASP B 585 14.06 31.10 13.80
CA ASP B 585 14.61 31.35 15.16
C ASP B 585 15.22 30.06 15.73
N PHE B 586 15.25 28.99 14.93
CA PHE B 586 15.75 27.65 15.32
C PHE B 586 17.28 27.62 15.20
N THR B 587 17.91 26.85 16.09
CA THR B 587 19.39 26.62 16.16
C THR B 587 19.62 25.21 16.74
N ILE B 588 20.59 24.50 16.15
CA ILE B 588 21.07 23.12 16.47
C ILE B 588 20.70 22.70 17.90
N SER B 589 20.90 23.60 18.88
CA SER B 589 20.76 23.29 20.33
C SER B 589 19.27 23.16 20.71
N ASP B 590 18.36 23.60 19.85
CA ASP B 590 16.90 23.41 20.06
C ASP B 590 16.49 21.96 19.72
N PHE B 591 17.42 21.09 19.31
CA PHE B 591 17.14 19.72 18.82
C PHE B 591 17.85 18.71 19.73
N THR B 592 17.05 17.86 20.39
CA THR B 592 17.51 16.80 21.30
C THR B 592 16.82 15.49 20.88
N ILE B 593 17.56 14.41 20.60
CA ILE B 593 17.00 13.04 20.43
C ILE B 593 17.09 12.32 21.79
N GLN B 594 15.97 11.87 22.33
CA GLN B 594 15.89 11.16 23.64
C GLN B 594 15.63 9.66 23.42
N ASN B 595 16.53 8.83 23.99
CA ASN B 595 16.40 7.37 24.21
C ASN B 595 16.61 6.58 22.90
N TYR B 596 17.50 7.07 22.03
CA TYR B 596 17.88 6.35 20.79
C TYR B 596 18.63 5.08 21.18
N VAL B 597 17.90 3.96 21.20
CA VAL B 597 18.42 2.57 21.29
C VAL B 597 18.61 2.07 19.85
N HIS B 598 19.80 1.56 19.52
CA HIS B 598 20.19 1.24 18.12
C HIS B 598 21.23 0.10 18.07
N HIS B 599 21.22 -0.67 16.98
CA HIS B 599 22.19 -1.73 16.64
C HIS B 599 23.49 -1.09 16.20
N GLU B 600 24.54 -1.88 16.03
CA GLU B 600 25.91 -1.43 15.68
C GLU B 600 25.86 -0.67 14.37
N LYS B 601 26.71 0.33 14.20
CA LYS B 601 27.08 0.98 12.91
C LYS B 601 27.30 -0.12 11.87
N ILE B 602 26.88 0.07 10.61
CA ILE B 602 27.21 -0.76 9.41
C ILE B 602 27.73 0.14 8.28
N SER B 603 28.87 -0.22 7.68
CA SER B 603 29.31 0.39 6.40
C SER B 603 28.47 -0.23 5.28
N MET B 604 27.65 0.56 4.60
CA MET B 604 26.78 -0.04 3.57
C MET B 604 27.72 -0.68 2.54
N ASP B 605 28.97 -0.18 2.50
CA ASP B 605 30.12 -0.62 1.66
C ASP B 605 30.84 -1.86 2.24
N MET B 606 31.70 -2.46 1.43
CA MET B 606 33.07 -2.97 1.77
C MET B 606 33.18 -3.25 3.27
PA NDP C . -21.82 -30.73 -25.33
O1A NDP C . -22.72 -30.34 -24.21
O2A NDP C . -20.35 -30.57 -25.12
O5B NDP C . -22.15 -32.25 -25.74
C5B NDP C . -23.48 -32.66 -26.12
C4B NDP C . -23.50 -34.17 -26.24
O4B NDP C . -23.07 -34.76 -25.00
C3B NDP C . -24.87 -34.84 -26.53
O3B NDP C . -25.22 -34.88 -27.90
C2B NDP C . -24.58 -36.24 -26.02
O2B NDP C . -23.66 -36.96 -26.88
C1B NDP C . -23.86 -35.91 -24.72
N9A NDP C . -24.71 -35.67 -23.55
C8A NDP C . -24.98 -34.47 -22.93
N7A NDP C . -25.73 -34.59 -21.87
C5A NDP C . -25.93 -35.95 -21.73
C6A NDP C . -26.64 -36.71 -20.79
N6A NDP C . -27.29 -36.20 -19.75
N1A NDP C . -26.65 -38.05 -20.96
C2A NDP C . -25.99 -38.57 -21.99
N3A NDP C . -25.30 -37.95 -22.95
C4A NDP C . -25.31 -36.62 -22.77
O3 NDP C . -22.28 -29.96 -26.68
PN NDP C . -22.69 -28.43 -26.99
O1N NDP C . -22.94 -28.19 -28.45
O2N NDP C . -23.77 -28.06 -26.02
O5D NDP C . -21.30 -27.75 -26.58
C5D NDP C . -20.15 -27.86 -27.44
C4D NDP C . -19.69 -26.48 -27.83
O4D NDP C . -19.34 -25.74 -26.64
C3D NDP C . -18.46 -26.38 -28.76
O3D NDP C . -18.69 -25.37 -29.74
C2D NDP C . -17.33 -26.14 -27.74
O2D NDP C . -16.15 -25.52 -28.22
C1D NDP C . -18.01 -25.25 -26.70
N1N NDP C . -17.38 -25.31 -25.36
C2N NDP C . -16.90 -24.17 -24.76
C3N NDP C . -16.57 -24.12 -23.42
C7N NDP C . -16.29 -22.78 -22.80
O7N NDP C . -15.76 -22.73 -21.68
N7N NDP C . -16.66 -21.68 -23.43
C4N NDP C . -16.51 -25.41 -22.67
C5N NDP C . -16.99 -26.59 -23.41
C6N NDP C . -17.23 -26.53 -24.70
P2B NDP C . -24.26 -37.87 -28.08
O1X NDP C . -23.24 -38.94 -28.38
O2X NDP C . -25.54 -38.47 -27.54
O3X NDP C . -24.51 -36.96 -29.26
H51A NDP C . -23.74 -32.24 -26.98
H52A NDP C . -24.13 -32.38 -25.41
H4B NDP C . -22.87 -34.40 -26.97
H3B NDP C . -25.59 -34.42 -26.00
HO3A NDP C . -25.20 -35.70 -28.16
H2B NDP C . -25.42 -36.74 -25.92
H1B NDP C . -23.28 -36.66 -24.46
H8A NDP C . -24.65 -33.64 -23.25
H61A NDP C . -27.72 -36.73 -19.20
H62A NDP C . -27.31 -35.33 -19.63
H2A NDP C . -26.02 -39.51 -22.06
H51N NDP C . -20.39 -28.38 -28.25
H52N NDP C . -19.42 -28.34 -26.96
H4D NDP C . -20.44 -26.02 -28.28
H3D NDP C . -18.32 -27.23 -29.24
HO3N NDP C . -18.02 -25.32 -30.25
H2D NDP C . -17.04 -27.00 -27.35
HO2N NDP C . -15.59 -25.43 -27.58
H1D NDP C . -18.00 -24.31 -27.01
H2N NDP C . -16.81 -23.40 -25.29
H71N NDP C . -17.06 -21.73 -24.22
H72N NDP C . -16.50 -20.88 -23.07
H41N NDP C . -17.07 -25.33 -21.87
H42N NDP C . -15.58 -25.59 -22.41
H5N NDP C . -17.12 -27.41 -22.95
H6N NDP C . -17.32 -27.34 -25.19
C4 GF3 D . -12.59 -26.58 -23.09
C5 GF3 D . -12.25 -27.05 -24.36
C6 GF3 D . -12.62 -28.32 -24.76
C11 GF3 D . -12.34 -22.73 -23.04
C7 GF3 D . -11.47 -25.96 -25.04
C8 GF3 D . -12.01 -25.20 -22.93
C9 GF3 D . -11.35 -24.98 -21.58
C10 GF3 D . -10.85 -23.55 -21.38
C12 GF3 D . -13.01 -24.08 -23.20
N1 GF3 D . -11.89 -22.57 -21.66
C3 GF3 D . -13.29 -27.38 -22.21
C1 GF3 D . -13.32 -29.11 -23.87
C2 GF3 D . -13.65 -28.66 -22.61
O1 GF3 D . -11.01 -25.13 -23.96
H4 GF3 D . -12.37 -28.63 -25.62
H12 GF3 D . -11.58 -22.68 -23.66
H13 GF3 D . -12.99 -22.03 -23.27
H6 GF3 D . -10.72 -26.35 -25.55
H5 GF3 D . -12.05 -25.46 -25.66
H7 GF3 D . -12.02 -25.19 -20.88
H8 GF3 D . -10.59 -25.61 -21.51
H10 GF3 D . -10.57 -23.44 -20.45
H9 GF3 D . -10.10 -23.39 -21.98
H15 GF3 D . -13.37 -24.16 -24.13
H14 GF3 D . -13.75 -24.17 -22.54
H11 GF3 D . -12.03 -22.06 -20.94
H3 GF3 D . -13.48 -27.08 -21.33
H1 GF3 D . -13.59 -29.98 -24.13
H2 GF3 D . -14.13 -29.22 -22.01
P PO4 E . -8.46 22.81 -5.09
O1 PO4 E . -8.33 24.29 -4.75
O2 PO4 E . -9.75 22.20 -4.50
O3 PO4 E . -7.30 22.01 -4.50
O4 PO4 E . -8.47 22.69 -6.61
P PO4 F . 20.06 11.35 -9.50
O1 PO4 F . 20.33 12.81 -9.91
O2 PO4 F . 19.73 10.54 -10.74
O3 PO4 F . 18.88 11.30 -8.53
O4 PO4 F . 21.27 10.73 -8.81
C4 GF3 G . 2.04 -5.50 37.58
C5 GF3 G . 2.04 -4.65 38.68
C6 GF3 G . 2.07 -5.18 39.96
C11 GF3 G . 3.50 -4.00 34.34
C7 GF3 G . 2.00 -3.23 38.20
C8 GF3 G . 2.06 -4.66 36.33
C9 GF3 G . 0.99 -5.04 35.32
C10 GF3 G . 1.14 -4.29 34.03
C12 GF3 G . 3.44 -4.69 35.68
N1 GF3 G . 2.46 -4.51 33.44
C3 GF3 G . 2.11 -6.87 37.72
C1 GF3 G . 2.11 -6.56 40.11
C2 GF3 G . 2.13 -7.40 39.01
O1 GF3 G . 1.78 -3.31 36.78
H4 GF3 G . 2.06 -4.61 40.72
H12 GF3 G . 3.37 -3.04 34.48
H13 GF3 G . 4.38 -4.15 33.94
H6 GF3 G . 1.27 -2.74 38.65
H5 GF3 G . 2.85 -2.77 38.39
H7 GF3 G . 1.05 -6.02 35.14
H8 GF3 G . 0.10 -4.84 35.72
H10 GF3 G . 0.46 -4.58 33.39
H9 GF3 G . 1.04 -3.32 34.20
H15 GF3 G . 4.11 -4.26 36.27
H14 GF3 G . 3.69 -5.65 35.54
H11 GF3 G . 2.37 -4.92 32.66
H3 GF3 G . 2.17 -7.43 36.98
H1 GF3 G . 2.12 -6.94 40.98
H2 GF3 G . 2.16 -8.34 39.13
#